data_5HI5
#
_entry.id   5HI5
#
_cell.length_a   91.320
_cell.length_b   68.680
_cell.length_c   100.530
_cell.angle_alpha   90.00
_cell.angle_beta   90.65
_cell.angle_gamma   90.00
#
_symmetry.space_group_name_H-M   'P 1 21 1'
#
loop_
_entity.id
_entity.type
_entity.pdbx_description
1 polymer Interleukin-17A
2 polymer 'CAT-2000 FAB heavy chain'
3 polymer 'CAT-2000 light chain'
4 polymer 'synthetic IL-17A inhibitor'
5 non-polymer (4S,20R)-7-chloro-N-methyl-4-{[(1-methyl-1H-pyrazol-5-yl)carbonyl]amino}-3,18-dioxo-2,19-diazatetracyclo[20.2.2.1~6,10~.1~11,15~]octacosa-1(24),6(28),7,9,11(27),12,14,22,25-nonaene-20-carboxamide
6 water water
#
loop_
_entity_poly.entity_id
_entity_poly.type
_entity_poly.pdbx_seq_one_letter_code
_entity_poly.pdbx_strand_id
1 'polypeptide(L)'
;GITIPRNPGCPNSEDKNFPRTVMVNLNIHNRNTNTNPKRSSDYYNRSTSPWNLHRNEDPERYPSVIWEAKCRHLGCINAD
GNVDYHMNSVPIQQEILVLRREPPHCPNSFRLEKILVSVGCTCVTPIVHHVA
;
A,B
2 'polypeptide(L)'
;GSHHHHHHGSENLYFQGEVQLLESGGGLVQPGGSLRLSCAASGFTFSSYAMSWVRQAPGKGLEWVSAISGSGGSTYYADS
VKGRFTISRDNSKNTLYLQMNSLRAEDTAVYYCARDLIHGVTRNWGQGTLVTVSSASTKGPSVFPLAPSSKSTSGGTAAL
GCLVKDYFPQPVTVSWNSGALTSGVHTFPAVLQSSGLYSLSSVVTVPSSSLGTQTYICNVNHKPSNTKVDKKVEPKS
;
C,H
3 'polypeptide(L)'
;NFMLTQPHSVSESPGKTVTISCTRSSGSLANYYVQWYQQRPGSSPTIVIFANNQRPSGVPDRFSGSIDSSSNSASLTISG
LKTEDEADYYCQTYDPYSVVFGGGTKLTVLGQPKAAPSVTLFPPSSEELQANKATLVCLISDFYPGAVTVAWKADSSPVK
AGVETTTPSKQSNNKYAASSYLSLTPEQWKSHRSYSCQVTHEGSTVEKTVAPTE
;
D,L
4 'polypeptide(L)' (ACE)IHVTIPADLWDWINK I
#
loop_
_chem_comp.id
_chem_comp.type
_chem_comp.name
_chem_comp.formula
63Q non-polymer (4S,20R)-7-chloro-N-methyl-4-{[(1-methyl-1H-pyrazol-5-yl)carbonyl]amino}-3,18-dioxo-2,19-diazatetracyclo[20.2.2.1~6,10~.1~11,15~]octacosa-1(24),6(28),7,9,11(27),12,14,22,25-nonaene-20-carboxamide 'C33 H33 Cl N6 O4'
ACE non-polymer 'ACETYL GROUP' 'C2 H4 O'
#
# COMPACT_ATOMS: atom_id res chain seq x y z
N VAL A 22 20.11 20.65 -40.38
CA VAL A 22 20.07 22.07 -40.09
C VAL A 22 21.23 22.50 -39.16
N MET A 23 21.64 23.78 -39.23
CA MET A 23 22.75 24.34 -38.46
C MET A 23 22.47 24.47 -36.95
N VAL A 24 22.93 23.48 -36.17
CA VAL A 24 22.79 23.54 -34.71
C VAL A 24 24.01 24.28 -34.14
N ASN A 25 23.78 25.44 -33.52
CA ASN A 25 24.86 26.24 -32.94
C ASN A 25 24.78 26.19 -31.42
N LEU A 26 24.93 24.96 -30.89
CA LEU A 26 24.85 24.60 -29.47
C LEU A 26 25.80 25.38 -28.56
N ASN A 27 25.36 25.57 -27.30
CA ASN A 27 26.09 26.25 -26.24
C ASN A 27 26.16 25.31 -25.03
N ILE A 28 27.33 25.25 -24.39
CA ILE A 28 27.56 24.39 -23.21
C ILE A 28 27.32 25.19 -21.92
N HIS A 29 26.43 24.66 -21.06
CA HIS A 29 26.07 25.28 -19.77
C HIS A 29 26.53 24.42 -18.59
N ASN A 30 26.81 25.06 -17.44
CA ASN A 30 27.25 24.40 -16.21
C ASN A 30 26.10 23.62 -15.55
N ASN A 36 22.08 8.74 -7.93
CA ASN A 36 21.58 7.68 -7.06
C ASN A 36 20.28 8.08 -6.32
N PRO A 37 19.18 7.30 -6.46
CA PRO A 37 17.91 7.67 -5.79
C PRO A 37 17.88 7.50 -4.27
N LYS A 38 18.76 6.65 -3.69
CA LYS A 38 18.87 6.38 -2.24
C LYS A 38 19.14 7.64 -1.41
N ARG A 39 19.89 8.59 -2.00
CA ARG A 39 20.28 9.86 -1.38
C ARG A 39 19.19 10.92 -1.52
N SER A 40 18.30 10.76 -2.51
CA SER A 40 17.19 11.70 -2.76
C SER A 40 15.89 11.26 -2.09
N SER A 41 15.60 9.95 -2.04
CA SER A 41 14.36 9.43 -1.44
C SER A 41 14.51 8.05 -0.80
N ASP A 42 13.87 7.85 0.36
CA ASP A 42 13.94 6.55 1.04
C ASP A 42 12.61 5.77 1.05
N TYR A 43 11.67 6.12 0.15
CA TYR A 43 10.40 5.40 0.01
C TYR A 43 10.64 3.92 -0.31
N TYR A 44 11.79 3.61 -0.97
CA TYR A 44 12.17 2.23 -1.34
C TYR A 44 12.23 1.32 -0.10
N ASN A 45 12.57 1.88 1.05
CA ASN A 45 12.71 1.16 2.30
C ASN A 45 11.47 1.22 3.20
N ARG A 46 10.63 2.25 3.02
CA ARG A 46 9.47 2.51 3.87
C ARG A 46 8.14 2.01 3.28
N SER A 47 8.14 1.66 2.00
CA SER A 47 6.95 1.17 1.28
C SER A 47 6.52 -0.22 1.76
N THR A 48 5.20 -0.52 1.64
CA THR A 48 4.66 -1.85 1.91
C THR A 48 5.08 -2.77 0.75
N SER A 49 5.54 -2.20 -0.38
CA SER A 49 6.04 -2.94 -1.54
C SER A 49 7.47 -2.40 -1.74
N PRO A 50 8.41 -2.71 -0.79
CA PRO A 50 9.76 -2.12 -0.88
C PRO A 50 10.56 -2.59 -2.09
N TRP A 51 11.59 -1.83 -2.46
CA TRP A 51 12.41 -2.20 -3.63
C TRP A 51 13.91 -1.94 -3.42
N ASN A 52 14.74 -2.58 -4.25
CA ASN A 52 16.18 -2.37 -4.29
C ASN A 52 16.46 -1.61 -5.57
N LEU A 53 17.58 -0.88 -5.61
CA LEU A 53 17.97 -0.13 -6.80
C LEU A 53 19.20 -0.77 -7.42
N HIS A 54 19.11 -1.14 -8.71
CA HIS A 54 20.20 -1.79 -9.43
C HIS A 54 20.75 -0.91 -10.54
N ARG A 55 22.10 -0.83 -10.63
CA ARG A 55 22.77 0.00 -11.65
C ARG A 55 22.86 -0.72 -12.99
N ASN A 56 22.30 -0.11 -14.04
CA ASN A 56 22.31 -0.63 -15.40
C ASN A 56 23.32 0.23 -16.16
N GLU A 57 24.51 -0.34 -16.43
CA GLU A 57 25.61 0.36 -17.09
C GLU A 57 25.69 0.07 -18.57
N ASP A 58 25.93 1.12 -19.38
CA ASP A 58 26.08 1.06 -20.84
C ASP A 58 26.92 2.26 -21.31
N PRO A 59 28.18 2.05 -21.77
CA PRO A 59 29.00 3.19 -22.23
C PRO A 59 28.49 3.79 -23.55
N GLU A 60 27.87 2.96 -24.41
CA GLU A 60 27.32 3.34 -25.72
C GLU A 60 25.92 3.99 -25.64
N ARG A 61 25.48 4.32 -24.42
CA ARG A 61 24.18 4.92 -24.15
C ARG A 61 24.32 6.13 -23.22
N TYR A 62 23.57 7.20 -23.49
CA TYR A 62 23.55 8.41 -22.66
C TYR A 62 22.14 8.60 -22.05
N PRO A 63 22.00 8.59 -20.70
CA PRO A 63 23.03 8.46 -19.66
C PRO A 63 23.61 7.05 -19.52
N SER A 64 24.91 6.97 -19.21
CA SER A 64 25.68 5.72 -19.05
C SER A 64 25.13 4.81 -17.95
N VAL A 65 24.75 5.40 -16.80
CA VAL A 65 24.20 4.67 -15.67
C VAL A 65 22.72 5.01 -15.47
N ILE A 66 21.88 3.96 -15.38
CA ILE A 66 20.44 4.07 -15.13
C ILE A 66 20.11 3.18 -13.94
N TRP A 67 19.56 3.77 -12.87
CA TRP A 67 19.17 3.04 -11.67
C TRP A 67 17.75 2.49 -11.86
N GLU A 68 17.61 1.16 -11.72
CA GLU A 68 16.32 0.50 -11.89
C GLU A 68 15.83 -0.18 -10.63
N ALA A 69 14.55 0.01 -10.34
CA ALA A 69 13.90 -0.56 -9.17
C ALA A 69 13.56 -2.03 -9.37
N LYS A 70 13.84 -2.85 -8.37
CA LYS A 70 13.50 -4.27 -8.38
C LYS A 70 12.79 -4.56 -7.06
N CYS A 71 11.51 -4.97 -7.13
CA CYS A 71 10.67 -5.26 -5.96
C CYS A 71 11.35 -6.33 -5.12
N ARG A 72 11.44 -6.10 -3.79
CA ARG A 72 12.12 -7.05 -2.91
C ARG A 72 11.35 -8.36 -2.73
N HIS A 73 10.02 -8.28 -2.65
CA HIS A 73 9.17 -9.44 -2.39
C HIS A 73 8.09 -9.61 -3.44
N LEU A 74 7.50 -10.82 -3.53
CA LEU A 74 6.37 -11.09 -4.40
C LEU A 74 5.13 -10.48 -3.71
N GLY A 75 4.98 -10.71 -2.41
CA GLY A 75 3.88 -10.15 -1.64
C GLY A 75 4.16 -8.72 -1.20
N CYS A 76 3.30 -8.19 -0.34
CA CYS A 76 3.47 -6.85 0.24
C CYS A 76 3.62 -7.02 1.78
N ILE A 77 4.26 -6.06 2.45
CA ILE A 77 4.45 -6.11 3.92
C ILE A 77 3.17 -5.68 4.61
N ASN A 78 2.57 -6.57 5.43
CA ASN A 78 1.31 -6.27 6.13
C ASN A 78 1.54 -5.52 7.46
N ALA A 79 0.45 -5.25 8.20
CA ALA A 79 0.44 -4.54 9.49
C ALA A 79 1.30 -5.19 10.58
N ASP A 80 1.50 -6.53 10.53
CA ASP A 80 2.31 -7.29 11.50
C ASP A 80 3.80 -7.41 11.10
N GLY A 81 4.16 -6.86 9.92
CA GLY A 81 5.53 -6.90 9.39
C GLY A 81 5.87 -8.13 8.57
N ASN A 82 4.86 -8.93 8.20
CA ASN A 82 5.12 -10.13 7.41
C ASN A 82 4.80 -9.92 5.95
N VAL A 83 5.45 -10.70 5.07
CA VAL A 83 5.16 -10.69 3.64
C VAL A 83 3.79 -11.36 3.51
N ASP A 84 2.84 -10.63 2.94
CA ASP A 84 1.47 -11.07 2.77
C ASP A 84 1.22 -11.37 1.28
N TYR A 85 0.84 -12.60 0.95
CA TYR A 85 0.64 -13.05 -0.43
C TYR A 85 -0.82 -12.90 -0.94
N HIS A 86 -1.65 -12.12 -0.19
CA HIS A 86 -3.01 -11.74 -0.61
C HIS A 86 -2.88 -10.50 -1.52
N MET A 87 -1.67 -9.97 -1.64
CA MET A 87 -1.34 -8.80 -2.46
C MET A 87 0.00 -9.03 -3.11
N ASN A 88 0.33 -8.25 -4.15
CA ASN A 88 1.62 -8.38 -4.84
C ASN A 88 2.33 -7.07 -4.97
N SER A 89 3.67 -7.07 -4.83
CA SER A 89 4.51 -5.90 -5.12
C SER A 89 4.73 -5.95 -6.65
N VAL A 90 4.50 -4.84 -7.34
CA VAL A 90 4.65 -4.73 -8.79
C VAL A 90 5.44 -3.47 -9.16
N PRO A 91 6.35 -3.55 -10.17
CA PRO A 91 7.10 -2.34 -10.55
C PRO A 91 6.25 -1.37 -11.35
N ILE A 92 6.47 -0.07 -11.12
CA ILE A 92 5.85 1.02 -11.86
C ILE A 92 6.90 1.39 -12.90
N GLN A 93 6.59 1.14 -14.16
CA GLN A 93 7.49 1.38 -15.28
C GLN A 93 7.12 2.63 -16.06
N GLN A 94 8.12 3.38 -16.54
CA GLN A 94 7.93 4.60 -17.32
C GLN A 94 8.72 4.49 -18.63
N GLU A 95 8.07 4.78 -19.78
CA GLU A 95 8.71 4.80 -21.09
C GLU A 95 9.51 6.09 -21.16
N ILE A 96 10.83 5.98 -21.35
CA ILE A 96 11.76 7.10 -21.43
C ILE A 96 12.61 7.02 -22.69
N LEU A 97 12.88 8.16 -23.32
CA LEU A 97 13.73 8.23 -24.51
C LEU A 97 15.19 8.36 -24.08
N VAL A 98 16.06 7.62 -24.76
CA VAL A 98 17.47 7.56 -24.46
C VAL A 98 18.30 7.74 -25.74
N LEU A 99 19.56 8.19 -25.59
CA LEU A 99 20.46 8.39 -26.72
C LEU A 99 21.44 7.22 -26.78
N ARG A 100 21.65 6.65 -27.98
CA ARG A 100 22.56 5.52 -28.17
C ARG A 100 23.59 5.80 -29.26
N PHE A 110 24.20 8.92 -33.92
CA PHE A 110 23.36 8.65 -32.75
C PHE A 110 21.91 8.38 -33.15
N ARG A 111 21.14 7.71 -32.26
CA ARG A 111 19.74 7.36 -32.47
C ARG A 111 18.94 7.48 -31.17
N LEU A 112 17.77 8.13 -31.24
CA LEU A 112 16.88 8.29 -30.10
C LEU A 112 16.01 7.04 -29.96
N GLU A 113 16.20 6.28 -28.86
CA GLU A 113 15.46 5.04 -28.61
C GLU A 113 14.56 5.11 -27.39
N LYS A 114 13.42 4.40 -27.44
CA LYS A 114 12.45 4.32 -26.36
C LYS A 114 12.79 3.12 -25.49
N ILE A 115 13.00 3.35 -24.18
CA ILE A 115 13.32 2.30 -23.22
C ILE A 115 12.37 2.36 -22.03
N LEU A 116 12.09 1.19 -21.42
CA LEU A 116 11.19 1.06 -20.29
C LEU A 116 12.05 0.86 -19.04
N VAL A 117 11.82 1.68 -17.99
CA VAL A 117 12.56 1.60 -16.72
C VAL A 117 11.63 1.54 -15.52
N SER A 118 11.97 0.73 -14.51
CA SER A 118 11.20 0.60 -13.27
C SER A 118 11.67 1.70 -12.33
N VAL A 119 10.74 2.57 -11.93
CA VAL A 119 11.01 3.71 -11.06
C VAL A 119 10.84 3.36 -9.56
N GLY A 120 9.93 2.44 -9.27
CA GLY A 120 9.61 1.99 -7.93
C GLY A 120 8.54 0.92 -7.95
N CYS A 121 8.07 0.47 -6.77
CA CYS A 121 7.02 -0.55 -6.69
C CYS A 121 5.79 -0.06 -5.97
N THR A 122 4.65 -0.66 -6.31
CA THR A 122 3.38 -0.37 -5.67
C THR A 122 2.76 -1.72 -5.24
N CYS A 123 1.75 -1.68 -4.39
CA CYS A 123 1.10 -2.89 -3.93
C CYS A 123 -0.27 -3.03 -4.59
N VAL A 124 -0.51 -4.15 -5.27
CA VAL A 124 -1.80 -4.41 -5.93
C VAL A 124 -2.53 -5.56 -5.27
N THR A 125 -3.85 -5.51 -5.28
CA THR A 125 -4.67 -6.56 -4.68
C THR A 125 -5.70 -7.04 -5.72
N PRO A 126 -6.24 -8.28 -5.58
CA PRO A 126 -7.24 -8.76 -6.56
C PRO A 126 -8.65 -8.25 -6.31
N ILE A 127 -8.87 -7.48 -5.23
CA ILE A 127 -10.18 -6.92 -4.92
C ILE A 127 -10.14 -5.41 -5.11
N VAL A 128 -10.94 -4.87 -6.05
CA VAL A 128 -10.96 -3.42 -6.26
C VAL A 128 -12.20 -2.82 -5.59
N HIS A 129 -11.99 -1.81 -4.73
CA HIS A 129 -13.03 -1.13 -3.97
C HIS A 129 -13.32 0.25 -4.56
N ASN B 36 -1.10 8.30 -23.20
CA ASN B 36 -1.93 8.11 -22.01
C ASN B 36 -1.58 6.78 -21.28
N PRO B 37 -1.25 6.84 -19.97
CA PRO B 37 -0.88 5.60 -19.25
C PRO B 37 -2.03 4.63 -18.92
N LYS B 38 -3.30 5.11 -18.92
CA LYS B 38 -4.51 4.32 -18.64
C LYS B 38 -4.70 3.15 -19.63
N ARG B 39 -4.25 3.34 -20.88
CA ARG B 39 -4.33 2.37 -21.97
C ARG B 39 -3.18 1.36 -21.92
N SER B 40 -2.06 1.74 -21.26
CA SER B 40 -0.88 0.86 -21.13
C SER B 40 -0.88 0.06 -19.83
N SER B 41 -1.34 0.66 -18.71
CA SER B 41 -1.37 -0.02 -17.40
C SER B 41 -2.53 0.42 -16.51
N ASP B 42 -3.12 -0.55 -15.78
CA ASP B 42 -4.22 -0.23 -14.86
C ASP B 42 -3.86 -0.38 -13.37
N TYR B 43 -2.56 -0.38 -13.03
CA TYR B 43 -2.11 -0.45 -11.63
C TYR B 43 -2.66 0.74 -10.84
N TYR B 44 -2.93 1.89 -11.53
CA TYR B 44 -3.47 3.10 -10.90
C TYR B 44 -4.78 2.82 -10.17
N ASN B 45 -5.55 1.86 -10.67
CA ASN B 45 -6.85 1.50 -10.11
C ASN B 45 -6.81 0.30 -9.16
N ARG B 46 -5.77 -0.55 -9.28
CA ARG B 46 -5.63 -1.79 -8.51
C ARG B 46 -4.71 -1.69 -7.29
N SER B 47 -3.96 -0.59 -7.19
CA SER B 47 -3.04 -0.34 -6.10
C SER B 47 -3.76 -0.05 -4.76
N THR B 48 -3.11 -0.38 -3.62
CA THR B 48 -3.59 -0.01 -2.28
C THR B 48 -3.39 1.51 -2.10
N SER B 49 -2.56 2.13 -2.97
CA SER B 49 -2.32 3.59 -2.96
C SER B 49 -2.70 4.03 -4.40
N PRO B 50 -4.01 3.98 -4.74
CA PRO B 50 -4.41 4.28 -6.13
C PRO B 50 -4.16 5.74 -6.54
N TRP B 51 -4.11 6.00 -7.85
CA TRP B 51 -3.86 7.36 -8.32
C TRP B 51 -4.69 7.74 -9.55
N ASN B 52 -4.81 9.04 -9.80
CA ASN B 52 -5.46 9.60 -10.98
C ASN B 52 -4.35 10.17 -11.83
N LEU B 53 -4.59 10.28 -13.15
CA LEU B 53 -3.61 10.83 -14.07
C LEU B 53 -4.10 12.18 -14.58
N HIS B 54 -3.27 13.21 -14.38
CA HIS B 54 -3.60 14.58 -14.77
C HIS B 54 -2.71 15.08 -15.91
N ARG B 55 -3.32 15.70 -16.92
CA ARG B 55 -2.59 16.23 -18.07
C ARG B 55 -1.97 17.61 -17.75
N ASN B 56 -0.63 17.70 -17.87
CA ASN B 56 0.14 18.92 -17.66
C ASN B 56 0.53 19.42 -19.05
N GLU B 57 -0.14 20.49 -19.52
CA GLU B 57 0.06 21.06 -20.84
C GLU B 57 1.00 22.27 -20.83
N ASP B 58 1.91 22.32 -21.81
CA ASP B 58 2.88 23.39 -22.00
C ASP B 58 3.29 23.44 -23.49
N PRO B 59 2.88 24.48 -24.26
CA PRO B 59 3.25 24.54 -25.69
C PRO B 59 4.74 24.83 -25.90
N GLU B 60 5.37 25.58 -24.95
CA GLU B 60 6.78 25.96 -24.97
C GLU B 60 7.73 24.86 -24.46
N ARG B 61 7.20 23.65 -24.26
CA ARG B 61 7.95 22.49 -23.77
C ARG B 61 7.66 21.26 -24.63
N TYR B 62 8.70 20.46 -24.91
CA TYR B 62 8.58 19.23 -25.68
C TYR B 62 8.96 18.02 -24.80
N PRO B 63 8.05 17.05 -24.55
CA PRO B 63 6.67 16.94 -25.05
C PRO B 63 5.70 17.93 -24.42
N SER B 64 4.73 18.40 -25.25
CA SER B 64 3.69 19.37 -24.87
C SER B 64 2.80 18.88 -23.72
N VAL B 65 2.41 17.59 -23.77
CA VAL B 65 1.56 16.98 -22.74
C VAL B 65 2.36 15.95 -21.93
N ILE B 66 2.31 16.09 -20.60
CA ILE B 66 2.94 15.18 -19.64
C ILE B 66 1.86 14.73 -18.65
N TRP B 67 1.62 13.41 -18.57
CA TRP B 67 0.65 12.83 -17.65
C TRP B 67 1.30 12.64 -16.29
N GLU B 68 0.73 13.25 -15.25
CA GLU B 68 1.25 13.16 -13.90
C GLU B 68 0.30 12.47 -12.95
N ALA B 69 0.85 11.56 -12.13
CA ALA B 69 0.09 10.81 -11.15
C ALA B 69 -0.21 11.67 -9.92
N LYS B 70 -1.46 11.59 -9.45
CA LYS B 70 -1.87 12.27 -8.22
C LYS B 70 -2.59 11.23 -7.37
N CYS B 71 -2.05 10.95 -6.18
CA CYS B 71 -2.60 9.96 -5.26
C CYS B 71 -4.05 10.33 -4.93
N ARG B 72 -4.95 9.36 -4.99
CA ARG B 72 -6.38 9.60 -4.74
C ARG B 72 -6.68 9.90 -3.29
N HIS B 73 -5.99 9.22 -2.37
CA HIS B 73 -6.26 9.35 -0.93
C HIS B 73 -4.98 9.69 -0.17
N LEU B 74 -5.16 10.21 1.05
CA LEU B 74 -4.01 10.47 1.94
C LEU B 74 -3.57 9.11 2.51
N GLY B 75 -4.54 8.30 2.94
CA GLY B 75 -4.25 6.98 3.46
C GLY B 75 -4.09 5.96 2.36
N CYS B 76 -4.00 4.67 2.75
CA CYS B 76 -3.93 3.55 1.79
C CYS B 76 -5.19 2.68 1.98
N ILE B 77 -5.60 1.92 0.95
CA ILE B 77 -6.77 1.03 1.05
C ILE B 77 -6.37 -0.24 1.78
N ASN B 78 -7.01 -0.52 2.94
CA ASN B 78 -6.70 -1.71 3.75
C ASN B 78 -7.42 -2.96 3.28
N ALA B 79 -7.23 -4.08 4.02
CA ALA B 79 -7.82 -5.40 3.76
C ALA B 79 -9.36 -5.41 3.71
N ASP B 80 -10.02 -4.50 4.43
CA ASP B 80 -11.49 -4.37 4.48
C ASP B 80 -12.07 -3.41 3.41
N GLY B 81 -11.19 -2.79 2.61
CA GLY B 81 -11.57 -1.83 1.57
C GLY B 81 -11.74 -0.39 2.02
N ASN B 82 -11.27 -0.07 3.24
CA ASN B 82 -11.39 1.29 3.73
C ASN B 82 -10.07 2.03 3.64
N VAL B 83 -10.15 3.37 3.55
CA VAL B 83 -8.98 4.24 3.56
C VAL B 83 -8.45 4.15 5.01
N ASP B 84 -7.21 3.71 5.13
CA ASP B 84 -6.54 3.50 6.42
C ASP B 84 -5.48 4.60 6.60
N TYR B 85 -5.59 5.40 7.68
CA TYR B 85 -4.68 6.53 7.94
C TYR B 85 -3.48 6.17 8.84
N HIS B 86 -3.22 4.85 9.02
CA HIS B 86 -2.03 4.33 9.71
C HIS B 86 -0.91 4.24 8.65
N MET B 87 -1.23 4.52 7.40
CA MET B 87 -0.30 4.49 6.27
C MET B 87 -0.63 5.67 5.35
N ASN B 88 0.29 6.05 4.46
CA ASN B 88 0.03 7.14 3.52
C ASN B 88 0.33 6.74 2.11
N SER B 89 -0.48 7.24 1.15
CA SER B 89 -0.20 7.08 -0.28
C SER B 89 0.76 8.23 -0.60
N VAL B 90 1.87 7.93 -1.28
CA VAL B 90 2.90 8.92 -1.64
C VAL B 90 3.29 8.77 -3.11
N PRO B 91 3.50 9.89 -3.84
CA PRO B 91 3.92 9.76 -5.25
C PRO B 91 5.38 9.35 -5.38
N ILE B 92 5.67 8.53 -6.38
CA ILE B 92 7.00 8.09 -6.76
C ILE B 92 7.37 9.04 -7.89
N GLN B 93 8.35 9.89 -7.65
CA GLN B 93 8.80 10.90 -8.59
C GLN B 93 10.09 10.49 -9.28
N GLN B 94 10.20 10.87 -10.55
CA GLN B 94 11.34 10.57 -11.39
C GLN B 94 11.87 11.87 -11.99
N GLU B 95 13.20 12.05 -11.94
CA GLU B 95 13.86 13.18 -12.57
C GLU B 95 14.01 12.82 -14.05
N ILE B 96 13.41 13.63 -14.92
CA ILE B 96 13.43 13.45 -16.38
C ILE B 96 13.88 14.73 -17.09
N LEU B 97 14.65 14.59 -18.17
CA LEU B 97 15.12 15.73 -18.97
C LEU B 97 14.06 16.08 -20.01
N VAL B 98 13.83 17.38 -20.19
CA VAL B 98 12.83 17.90 -21.10
C VAL B 98 13.41 19.04 -21.93
N LEU B 99 12.80 19.31 -23.09
CA LEU B 99 13.24 20.39 -23.98
C LEU B 99 12.29 21.58 -23.81
N ARG B 100 12.83 22.79 -23.67
CA ARG B 100 12.03 24.01 -23.49
C ARG B 100 12.39 25.08 -24.52
N ASN B 108 13.91 29.87 -32.05
CA ASN B 108 15.13 29.21 -32.51
C ASN B 108 15.97 28.60 -31.39
N SER B 109 15.92 29.19 -30.17
CA SER B 109 16.70 28.76 -29.02
C SER B 109 16.00 27.77 -28.09
N PHE B 110 16.70 26.68 -27.75
CA PHE B 110 16.20 25.63 -26.85
C PHE B 110 17.20 25.32 -25.72
N ARG B 111 16.69 24.74 -24.61
CA ARG B 111 17.49 24.37 -23.45
C ARG B 111 17.02 23.06 -22.84
N LEU B 112 17.96 22.15 -22.52
CA LEU B 112 17.64 20.87 -21.89
C LEU B 112 17.53 21.09 -20.38
N GLU B 113 16.32 20.90 -19.83
CA GLU B 113 16.03 21.11 -18.41
C GLU B 113 15.62 19.83 -17.70
N LYS B 114 15.98 19.73 -16.42
CA LYS B 114 15.65 18.61 -15.55
C LYS B 114 14.33 18.93 -14.83
N ILE B 115 13.33 18.05 -14.98
CA ILE B 115 12.02 18.21 -14.36
C ILE B 115 11.65 16.95 -13.57
N LEU B 116 10.88 17.13 -12.50
CA LEU B 116 10.43 16.06 -11.63
C LEU B 116 8.96 15.75 -11.96
N VAL B 117 8.63 14.48 -12.24
CA VAL B 117 7.28 14.03 -12.56
C VAL B 117 6.86 12.82 -11.70
N SER B 118 5.59 12.79 -11.28
CA SER B 118 5.04 11.68 -10.50
C SER B 118 4.56 10.62 -11.48
N VAL B 119 5.14 9.42 -11.35
CA VAL B 119 4.85 8.28 -12.23
C VAL B 119 3.71 7.40 -11.69
N GLY B 120 3.59 7.33 -10.37
CA GLY B 120 2.58 6.54 -9.68
C GLY B 120 2.69 6.73 -8.18
N CYS B 121 1.89 5.99 -7.39
CA CYS B 121 1.94 6.08 -5.94
C CYS B 121 2.28 4.75 -5.29
N THR B 122 2.86 4.83 -4.10
CA THR B 122 3.21 3.67 -3.28
C THR B 122 2.64 3.91 -1.89
N CYS B 123 2.58 2.87 -1.07
CA CYS B 123 2.07 3.01 0.29
C CYS B 123 3.20 2.92 1.29
N VAL B 124 3.35 3.96 2.13
CA VAL B 124 4.40 3.99 3.17
C VAL B 124 3.78 3.92 4.57
N THR B 125 4.50 3.30 5.51
CA THR B 125 4.04 3.20 6.89
C THR B 125 5.12 3.75 7.83
N PRO B 126 4.77 4.19 9.08
CA PRO B 126 5.78 4.73 10.00
C PRO B 126 6.58 3.65 10.74
N ILE B 127 6.24 2.36 10.52
CA ILE B 127 6.97 1.28 11.17
C ILE B 127 7.73 0.50 10.10
N VAL B 128 9.07 0.48 10.18
CA VAL B 128 9.88 -0.26 9.20
C VAL B 128 10.33 -1.59 9.81
N HIS B 129 10.04 -2.69 9.11
CA HIS B 129 10.36 -4.06 9.54
C HIS B 129 11.54 -4.61 8.75
N GLU C 18 -14.17 -6.31 -23.28
CA GLU C 18 -14.33 -7.68 -22.81
C GLU C 18 -13.00 -8.42 -22.92
N VAL C 19 -12.63 -9.15 -21.86
CA VAL C 19 -11.40 -9.94 -21.81
C VAL C 19 -11.45 -11.07 -22.82
N GLN C 20 -10.45 -11.14 -23.70
CA GLN C 20 -10.34 -12.20 -24.70
C GLN C 20 -8.93 -12.81 -24.67
N LEU C 21 -8.87 -14.14 -24.63
CA LEU C 21 -7.62 -14.89 -24.63
C LEU C 21 -7.71 -15.97 -25.71
N LEU C 22 -6.91 -15.87 -26.77
CA LEU C 22 -7.02 -16.81 -27.90
C LEU C 22 -5.72 -17.60 -28.08
N GLU C 23 -5.77 -18.89 -27.72
CA GLU C 23 -4.60 -19.80 -27.83
C GLU C 23 -4.48 -20.36 -29.24
N SER C 24 -3.25 -20.59 -29.68
CA SER C 24 -2.95 -21.20 -30.98
C SER C 24 -1.68 -22.04 -30.82
N GLY C 25 -1.39 -22.87 -31.81
CA GLY C 25 -0.15 -23.65 -31.83
C GLY C 25 -0.28 -25.11 -31.50
N GLY C 26 -1.45 -25.56 -31.05
CA GLY C 26 -1.68 -26.95 -30.70
C GLY C 26 -1.70 -27.86 -31.91
N GLY C 27 -1.63 -29.17 -31.67
CA GLY C 27 -1.63 -30.20 -32.71
C GLY C 27 -0.75 -31.38 -32.31
N LEU C 28 -0.39 -32.19 -33.31
CA LEU C 28 0.39 -33.39 -33.07
C LEU C 28 1.89 -33.18 -33.05
N VAL C 29 2.56 -33.75 -32.04
CA VAL C 29 4.03 -33.71 -31.90
C VAL C 29 4.51 -35.13 -31.61
N GLN C 30 5.66 -35.52 -32.18
CA GLN C 30 6.21 -36.84 -31.87
C GLN C 30 6.87 -36.78 -30.47
N PRO C 31 6.88 -37.89 -29.71
CA PRO C 31 7.63 -37.89 -28.42
C PRO C 31 9.08 -37.42 -28.63
N GLY C 32 9.58 -36.53 -27.74
CA GLY C 32 10.91 -35.91 -27.80
C GLY C 32 10.93 -34.63 -28.62
N GLY C 33 9.82 -34.34 -29.33
CA GLY C 33 9.65 -33.15 -30.16
C GLY C 33 9.40 -31.87 -29.36
N SER C 34 9.30 -30.75 -30.08
CA SER C 34 9.10 -29.42 -29.51
C SER C 34 7.86 -28.79 -30.14
N LEU C 35 7.23 -27.86 -29.41
CA LEU C 35 6.05 -27.13 -29.90
C LEU C 35 6.00 -25.80 -29.15
N ARG C 36 5.59 -24.73 -29.85
CA ARG C 36 5.41 -23.43 -29.20
C ARG C 36 3.93 -23.03 -29.27
N LEU C 37 3.32 -22.77 -28.12
CA LEU C 37 1.94 -22.29 -28.05
C LEU C 37 1.99 -20.78 -27.88
N SER C 38 0.96 -20.11 -28.40
CA SER C 38 0.79 -18.67 -28.29
C SER C 38 -0.60 -18.41 -27.69
N CYS C 39 -0.74 -17.27 -27.04
CA CYS C 39 -2.00 -16.80 -26.50
C CYS C 39 -2.09 -15.30 -26.80
N ALA C 40 -3.04 -14.91 -27.66
CA ALA C 40 -3.20 -13.49 -28.00
C ALA C 40 -4.25 -12.90 -27.06
N ALA C 41 -3.88 -11.86 -26.35
CA ALA C 41 -4.78 -11.23 -25.38
C ALA C 41 -5.26 -9.88 -25.88
N SER C 42 -6.50 -9.53 -25.52
CA SER C 42 -7.11 -8.23 -25.78
C SER C 42 -8.19 -7.94 -24.72
N GLY C 43 -8.65 -6.70 -24.66
CA GLY C 43 -9.70 -6.24 -23.75
C GLY C 43 -9.23 -5.88 -22.35
N PHE C 44 -7.91 -5.78 -22.14
CA PHE C 44 -7.29 -5.42 -20.85
C PHE C 44 -5.85 -4.95 -21.07
N THR C 45 -5.27 -4.23 -20.08
CA THR C 45 -3.91 -3.74 -20.16
C THR C 45 -2.98 -4.93 -19.83
N PHE C 46 -2.63 -5.71 -20.88
CA PHE C 46 -1.85 -6.96 -20.81
C PHE C 46 -0.62 -6.91 -19.92
N SER C 47 0.25 -5.89 -20.09
CA SER C 47 1.51 -5.77 -19.34
C SER C 47 1.33 -5.64 -17.79
N SER C 48 0.14 -5.28 -17.32
CA SER C 48 -0.07 -5.16 -15.87
C SER C 48 -0.73 -6.44 -15.26
N TYR C 49 -0.74 -7.55 -16.02
CA TYR C 49 -1.30 -8.81 -15.48
C TYR C 49 -0.34 -9.96 -15.53
N ALA C 50 -0.27 -10.69 -14.41
CA ALA C 50 0.47 -11.95 -14.36
C ALA C 50 -0.39 -12.91 -15.22
N MET C 51 0.27 -13.84 -15.94
CA MET C 51 -0.42 -14.76 -16.83
C MET C 51 0.03 -16.18 -16.48
N SER C 52 -0.78 -17.15 -16.84
CA SER C 52 -0.52 -18.55 -16.56
C SER C 52 -0.96 -19.46 -17.67
N TRP C 53 -0.37 -20.66 -17.69
CA TRP C 53 -0.81 -21.77 -18.52
C TRP C 53 -1.25 -22.87 -17.57
N VAL C 54 -2.37 -23.49 -17.90
CA VAL C 54 -2.98 -24.59 -17.13
C VAL C 54 -3.35 -25.64 -18.19
N ARG C 55 -3.18 -26.93 -17.88
CA ARG C 55 -3.57 -27.95 -18.86
C ARG C 55 -4.57 -28.95 -18.28
N GLN C 56 -5.20 -29.72 -19.16
CA GLN C 56 -6.18 -30.72 -18.77
C GLN C 56 -6.16 -31.86 -19.78
N ALA C 57 -5.73 -33.04 -19.33
CA ALA C 57 -5.76 -34.25 -20.13
C ALA C 57 -7.24 -34.73 -20.24
N PRO C 58 -7.67 -35.34 -21.38
CA PRO C 58 -9.08 -35.78 -21.52
C PRO C 58 -9.59 -36.61 -20.36
N GLY C 59 -10.72 -36.21 -19.81
CA GLY C 59 -11.37 -36.85 -18.66
C GLY C 59 -10.62 -36.73 -17.34
N LYS C 60 -9.65 -35.79 -17.24
CA LYS C 60 -8.84 -35.60 -16.04
C LYS C 60 -9.02 -34.18 -15.47
N GLY C 61 -8.35 -33.91 -14.37
CA GLY C 61 -8.44 -32.63 -13.69
C GLY C 61 -7.55 -31.55 -14.29
N LEU C 62 -7.71 -30.33 -13.78
CA LEU C 62 -6.91 -29.18 -14.18
C LEU C 62 -5.54 -29.28 -13.51
N GLU C 63 -4.47 -28.97 -14.27
CA GLU C 63 -3.09 -29.03 -13.76
C GLU C 63 -2.36 -27.76 -14.13
N TRP C 64 -1.94 -26.98 -13.12
CA TRP C 64 -1.19 -25.77 -13.36
C TRP C 64 0.15 -26.13 -14.01
N VAL C 65 0.55 -25.37 -15.03
CA VAL C 65 1.81 -25.62 -15.76
C VAL C 65 2.89 -24.58 -15.45
N SER C 66 2.55 -23.30 -15.66
CA SER C 66 3.56 -22.24 -15.54
C SER C 66 2.90 -20.89 -15.37
N ALA C 67 3.65 -19.93 -14.80
CA ALA C 67 3.15 -18.57 -14.60
C ALA C 67 4.28 -17.57 -14.84
N ILE C 68 3.90 -16.33 -15.19
CA ILE C 68 4.85 -15.25 -15.49
C ILE C 68 4.29 -13.93 -14.95
N SER C 69 5.15 -13.10 -14.34
CA SER C 69 4.74 -11.78 -13.84
C SER C 69 4.38 -10.85 -15.03
N GLY C 70 3.66 -9.77 -14.74
CA GLY C 70 3.28 -8.76 -15.74
C GLY C 70 4.46 -8.25 -16.57
N SER C 71 5.60 -7.94 -15.91
CA SER C 71 6.82 -7.45 -16.57
C SER C 71 7.58 -8.55 -17.31
N GLY C 72 7.37 -9.79 -16.90
CA GLY C 72 8.06 -10.97 -17.43
C GLY C 72 9.34 -11.28 -16.67
N GLY C 73 9.62 -10.48 -15.63
CA GLY C 73 10.81 -10.61 -14.79
C GLY C 73 10.85 -11.82 -13.88
N SER C 74 9.67 -12.43 -13.57
CA SER C 74 9.57 -13.61 -12.71
C SER C 74 8.77 -14.68 -13.41
N THR C 75 9.27 -15.93 -13.40
CA THR C 75 8.64 -17.10 -13.99
C THR C 75 8.57 -18.22 -12.96
N TYR C 76 7.54 -19.09 -13.09
CA TYR C 76 7.25 -20.17 -12.15
C TYR C 76 6.83 -21.38 -12.95
N TYR C 77 7.25 -22.58 -12.52
CA TYR C 77 6.96 -23.83 -13.24
C TYR C 77 6.52 -24.95 -12.34
N ALA C 78 5.62 -25.80 -12.84
CA ALA C 78 5.23 -27.02 -12.12
C ALA C 78 6.43 -27.97 -12.20
N ASP C 79 6.62 -28.80 -11.17
CA ASP C 79 7.73 -29.77 -11.13
C ASP C 79 7.72 -30.73 -12.36
N SER C 80 6.52 -31.09 -12.85
CA SER C 80 6.32 -31.97 -14.01
C SER C 80 6.84 -31.38 -15.34
N VAL C 81 7.11 -30.06 -15.39
CA VAL C 81 7.54 -29.42 -16.65
C VAL C 81 8.87 -28.67 -16.54
N LYS C 82 9.49 -28.66 -15.35
CA LYS C 82 10.76 -27.96 -15.09
C LYS C 82 11.85 -28.40 -16.03
N GLY C 83 12.56 -27.43 -16.57
CA GLY C 83 13.66 -27.68 -17.48
C GLY C 83 13.23 -27.81 -18.92
N ARG C 84 12.03 -28.40 -19.18
CA ARG C 84 11.51 -28.68 -20.53
C ARG C 84 10.71 -27.56 -21.15
N PHE C 85 9.95 -26.81 -20.32
CA PHE C 85 9.09 -25.73 -20.84
C PHE C 85 9.64 -24.37 -20.47
N THR C 86 9.32 -23.36 -21.29
CA THR C 86 9.70 -21.97 -21.03
C THR C 86 8.50 -21.09 -21.30
N ILE C 87 8.08 -20.32 -20.29
CA ILE C 87 7.03 -19.34 -20.45
C ILE C 87 7.71 -18.00 -20.77
N SER C 88 7.12 -17.21 -21.68
CA SER C 88 7.65 -15.88 -22.01
C SER C 88 6.47 -15.04 -22.47
N ARG C 89 6.69 -13.74 -22.64
CA ARG C 89 5.62 -12.85 -23.10
C ARG C 89 6.23 -11.70 -23.90
N ASP C 90 5.47 -11.17 -24.86
CA ASP C 90 5.85 -10.00 -25.65
C ASP C 90 4.75 -8.97 -25.37
N ASN C 91 5.05 -8.03 -24.45
CA ASN C 91 4.11 -6.99 -24.02
C ASN C 91 3.77 -6.00 -25.12
N SER C 92 4.64 -5.82 -26.14
CA SER C 92 4.32 -4.95 -27.27
C SER C 92 3.32 -5.61 -28.24
N LYS C 93 3.27 -6.97 -28.25
CA LYS C 93 2.36 -7.70 -29.12
C LYS C 93 1.15 -8.27 -28.36
N ASN C 94 1.07 -8.05 -27.02
CA ASN C 94 -0.01 -8.59 -26.17
C ASN C 94 -0.10 -10.13 -26.33
N THR C 95 1.06 -10.80 -26.36
CA THR C 95 1.09 -12.25 -26.57
C THR C 95 1.85 -12.96 -25.46
N LEU C 96 1.31 -14.09 -25.04
CA LEU C 96 1.93 -14.97 -24.04
C LEU C 96 2.37 -16.21 -24.83
N TYR C 97 3.53 -16.78 -24.49
CA TYR C 97 4.04 -17.97 -25.17
C TYR C 97 4.35 -19.08 -24.18
N LEU C 98 4.35 -20.30 -24.69
CA LEU C 98 4.80 -21.46 -23.96
C LEU C 98 5.58 -22.33 -24.95
N GLN C 99 6.91 -22.36 -24.78
CA GLN C 99 7.84 -23.17 -25.58
C GLN C 99 8.01 -24.50 -24.87
N MET C 100 7.75 -25.59 -25.54
CA MET C 100 7.78 -26.92 -24.92
C MET C 100 8.78 -27.78 -25.67
N ASN C 101 9.76 -28.29 -24.94
CA ASN C 101 10.76 -29.18 -25.48
C ASN C 101 10.64 -30.53 -24.82
N SER C 102 11.28 -31.58 -25.42
CA SER C 102 11.31 -32.93 -24.84
C SER C 102 9.92 -33.42 -24.45
N LEU C 103 8.93 -33.22 -25.35
CA LEU C 103 7.54 -33.60 -25.07
C LEU C 103 7.35 -35.09 -24.94
N ARG C 104 6.47 -35.48 -24.04
CA ARG C 104 6.16 -36.90 -23.83
C ARG C 104 4.66 -37.12 -23.85
N ALA C 105 4.21 -38.38 -24.07
CA ALA C 105 2.78 -38.69 -24.13
C ALA C 105 1.95 -38.07 -22.93
N GLU C 106 2.54 -38.01 -21.72
CA GLU C 106 1.87 -37.45 -20.51
C GLU C 106 1.62 -35.94 -20.61
N ASP C 107 2.21 -35.26 -21.61
CA ASP C 107 1.98 -33.85 -21.83
C ASP C 107 0.74 -33.65 -22.70
N THR C 108 0.15 -34.74 -23.25
CA THR C 108 -1.08 -34.64 -24.09
C THR C 108 -2.18 -34.01 -23.24
N ALA C 109 -2.78 -32.90 -23.72
CA ALA C 109 -3.81 -32.16 -22.96
C ALA C 109 -4.30 -30.99 -23.75
N VAL C 110 -5.41 -30.40 -23.28
CA VAL C 110 -5.84 -29.10 -23.76
C VAL C 110 -5.03 -28.10 -22.89
N TYR C 111 -4.35 -27.14 -23.52
CA TYR C 111 -3.59 -26.10 -22.82
C TYR C 111 -4.38 -24.81 -22.86
N TYR C 112 -4.65 -24.25 -21.66
CA TYR C 112 -5.39 -23.00 -21.50
C TYR C 112 -4.45 -21.88 -21.08
N CYS C 113 -4.68 -20.72 -21.65
CA CYS C 113 -4.04 -19.45 -21.30
C CYS C 113 -4.95 -18.85 -20.19
N ALA C 114 -4.37 -18.20 -19.14
CA ALA C 114 -5.19 -17.64 -18.07
C ALA C 114 -4.65 -16.32 -17.58
N ARG C 115 -5.55 -15.39 -17.27
CA ARG C 115 -5.18 -14.08 -16.74
C ARG C 115 -5.32 -14.13 -15.22
N ASP C 116 -4.27 -13.66 -14.50
CA ASP C 116 -4.22 -13.66 -13.05
C ASP C 116 -4.22 -12.24 -12.50
N LEU C 117 -5.07 -11.98 -11.50
CA LEU C 117 -5.18 -10.67 -10.85
C LEU C 117 -3.96 -10.37 -9.99
N ILE C 118 -3.44 -11.42 -9.34
CA ILE C 118 -2.19 -11.46 -8.58
C ILE C 118 -1.69 -12.88 -8.81
N HIS C 119 -0.45 -13.19 -8.44
CA HIS C 119 0.08 -14.55 -8.56
C HIS C 119 -0.88 -15.52 -7.88
N GLY C 120 -1.33 -16.51 -8.64
CA GLY C 120 -2.19 -17.57 -8.14
C GLY C 120 -3.68 -17.32 -8.09
N VAL C 121 -4.15 -16.14 -8.55
CA VAL C 121 -5.59 -15.83 -8.51
C VAL C 121 -6.08 -15.67 -9.97
N THR C 122 -6.52 -16.77 -10.60
CA THR C 122 -6.90 -16.63 -12.02
C THR C 122 -8.36 -16.19 -12.14
N ARG C 123 -8.55 -15.17 -12.99
CA ARG C 123 -9.81 -14.52 -13.22
C ARG C 123 -10.47 -14.84 -14.57
N ASN C 124 -9.66 -15.20 -15.60
CA ASN C 124 -10.17 -15.48 -16.95
C ASN C 124 -9.39 -16.59 -17.60
N TRP C 125 -10.10 -17.40 -18.40
CA TRP C 125 -9.54 -18.53 -19.12
C TRP C 125 -9.77 -18.37 -20.61
N GLY C 126 -8.84 -18.86 -21.42
CA GLY C 126 -8.97 -18.92 -22.87
C GLY C 126 -9.83 -20.13 -23.23
N GLN C 127 -9.94 -20.43 -24.52
CA GLN C 127 -10.75 -21.56 -25.03
C GLN C 127 -9.97 -22.85 -25.07
N GLY C 128 -8.65 -22.73 -24.99
CA GLY C 128 -7.75 -23.88 -25.02
C GLY C 128 -7.29 -24.28 -26.41
N THR C 129 -6.15 -24.97 -26.46
CA THR C 129 -5.56 -25.53 -27.69
C THR C 129 -5.11 -26.96 -27.35
N LEU C 130 -5.50 -27.93 -28.18
CA LEU C 130 -5.18 -29.31 -27.90
C LEU C 130 -3.79 -29.71 -28.41
N VAL C 131 -2.98 -30.28 -27.52
CA VAL C 131 -1.63 -30.78 -27.84
C VAL C 131 -1.67 -32.30 -27.70
N THR C 132 -1.33 -33.03 -28.78
CA THR C 132 -1.30 -34.50 -28.80
C THR C 132 0.14 -34.92 -29.00
N VAL C 133 0.65 -35.70 -28.05
CA VAL C 133 2.01 -36.17 -28.15
C VAL C 133 1.90 -37.68 -28.43
N SER C 134 2.28 -38.08 -29.64
CA SER C 134 2.12 -39.45 -30.11
C SER C 134 3.06 -39.76 -31.24
N SER C 135 3.43 -41.04 -31.40
CA SER C 135 4.27 -41.46 -32.52
C SER C 135 3.40 -41.87 -33.73
N ALA C 136 2.06 -41.90 -33.57
CA ALA C 136 1.10 -42.19 -34.66
C ALA C 136 1.12 -41.01 -35.64
N SER C 137 0.86 -41.26 -36.93
CA SER C 137 0.91 -40.21 -37.95
C SER C 137 -0.44 -39.48 -38.12
N THR C 138 -0.36 -38.23 -38.56
CA THR C 138 -1.54 -37.43 -38.92
C THR C 138 -2.36 -38.18 -39.99
N LYS C 139 -3.70 -38.09 -39.89
CA LYS C 139 -4.55 -38.67 -40.92
C LYS C 139 -5.74 -37.77 -41.02
N GLY C 140 -5.92 -37.22 -42.21
CA GLY C 140 -7.07 -36.37 -42.50
C GLY C 140 -8.37 -37.19 -42.63
N PRO C 141 -9.53 -36.59 -42.33
CA PRO C 141 -10.79 -37.37 -42.40
C PRO C 141 -11.32 -37.68 -43.79
N SER C 142 -12.08 -38.78 -43.90
CA SER C 142 -12.87 -39.15 -45.08
C SER C 142 -14.27 -38.76 -44.66
N VAL C 143 -14.90 -37.87 -45.42
CA VAL C 143 -16.22 -37.38 -45.05
C VAL C 143 -17.29 -38.01 -45.95
N PHE C 144 -18.31 -38.68 -45.35
CA PHE C 144 -19.37 -39.30 -46.14
C PHE C 144 -20.70 -38.67 -45.79
N PRO C 145 -21.58 -38.48 -46.78
CA PRO C 145 -22.90 -37.95 -46.47
C PRO C 145 -23.79 -39.00 -45.84
N LEU C 146 -24.64 -38.56 -44.88
CA LEU C 146 -25.65 -39.43 -44.23
C LEU C 146 -26.95 -38.84 -44.75
N ALA C 147 -27.38 -39.40 -45.87
CA ALA C 147 -28.50 -38.90 -46.64
C ALA C 147 -29.83 -39.06 -45.96
N PRO C 148 -30.70 -38.03 -46.04
CA PRO C 148 -32.04 -38.20 -45.45
C PRO C 148 -32.85 -39.22 -46.30
N SER C 149 -33.77 -39.95 -45.69
CA SER C 149 -34.61 -40.88 -46.43
C SER C 149 -35.92 -41.00 -45.67
N SER C 150 -36.86 -41.81 -46.13
CA SER C 150 -38.13 -42.00 -45.38
C SER C 150 -37.89 -42.61 -43.98
N LYS C 151 -36.75 -43.29 -43.78
CA LYS C 151 -36.39 -43.94 -42.53
C LYS C 151 -35.66 -42.97 -41.58
N SER C 152 -35.23 -41.80 -42.07
CA SER C 152 -34.65 -40.78 -41.18
C SER C 152 -35.69 -39.65 -40.96
N THR C 153 -36.95 -39.80 -41.52
CA THR C 153 -37.96 -38.73 -41.38
C THR C 153 -38.86 -38.95 -40.19
N SER C 154 -39.25 -37.84 -39.56
CA SER C 154 -40.17 -37.79 -38.43
C SER C 154 -41.26 -36.77 -38.76
N GLY C 155 -42.09 -37.11 -39.74
CA GLY C 155 -43.17 -36.25 -40.19
C GLY C 155 -42.66 -34.97 -40.81
N GLY C 156 -42.90 -33.84 -40.14
CA GLY C 156 -42.48 -32.51 -40.59
C GLY C 156 -40.99 -32.21 -40.51
N THR C 157 -40.23 -33.08 -39.85
CA THR C 157 -38.80 -32.91 -39.67
C THR C 157 -38.07 -34.14 -40.25
N ALA C 158 -36.83 -33.93 -40.72
CA ALA C 158 -36.00 -35.00 -41.26
C ALA C 158 -34.59 -34.80 -40.75
N ALA C 159 -33.91 -35.90 -40.45
CA ALA C 159 -32.51 -35.87 -40.02
C ALA C 159 -31.59 -36.20 -41.18
N LEU C 160 -30.48 -35.44 -41.32
CA LEU C 160 -29.45 -35.73 -42.30
C LEU C 160 -28.12 -35.45 -41.63
N GLY C 161 -27.04 -35.95 -42.18
CA GLY C 161 -25.78 -35.72 -41.51
C GLY C 161 -24.53 -35.96 -42.33
N CYS C 162 -23.40 -35.95 -41.62
CA CYS C 162 -22.08 -36.22 -42.17
C CYS C 162 -21.34 -37.12 -41.26
N LEU C 163 -20.72 -38.15 -41.84
CA LEU C 163 -19.87 -39.10 -41.11
C LEU C 163 -18.41 -38.66 -41.37
N VAL C 164 -17.67 -38.38 -40.30
CA VAL C 164 -16.28 -37.88 -40.33
C VAL C 164 -15.44 -39.03 -39.86
N LYS C 165 -14.97 -39.82 -40.83
CA LYS C 165 -14.34 -41.10 -40.51
C LYS C 165 -12.82 -41.11 -40.47
N ASP C 166 -12.25 -41.83 -39.47
CA ASP C 166 -10.82 -42.16 -39.43
C ASP C 166 -9.82 -41.00 -39.59
N TYR C 167 -9.75 -40.14 -38.58
CA TYR C 167 -8.83 -39.03 -38.52
C TYR C 167 -7.98 -39.09 -37.25
N PHE C 168 -6.85 -38.38 -37.29
CA PHE C 168 -5.94 -38.30 -36.17
C PHE C 168 -5.02 -37.10 -36.38
N PRO C 169 -4.75 -36.30 -35.33
CA PRO C 169 -5.30 -36.35 -33.95
C PRO C 169 -6.65 -35.60 -33.92
N GLN C 170 -7.19 -35.42 -32.73
CA GLN C 170 -8.31 -34.51 -32.55
C GLN C 170 -7.69 -33.08 -32.62
N PRO C 171 -8.50 -32.05 -32.82
CA PRO C 171 -9.97 -32.12 -33.01
C PRO C 171 -10.42 -31.90 -34.45
N VAL C 172 -11.72 -32.11 -34.69
CA VAL C 172 -12.38 -31.68 -35.91
C VAL C 172 -13.53 -30.77 -35.46
N THR C 173 -13.81 -29.77 -36.26
CA THR C 173 -14.97 -28.92 -36.01
C THR C 173 -15.95 -29.08 -37.20
N VAL C 174 -17.27 -28.98 -36.95
CA VAL C 174 -18.23 -29.15 -38.02
C VAL C 174 -19.22 -28.00 -37.93
N SER C 175 -19.49 -27.35 -39.05
CA SER C 175 -20.56 -26.37 -39.18
C SER C 175 -21.44 -26.84 -40.37
N TRP C 176 -22.61 -26.22 -40.51
CA TRP C 176 -23.53 -26.52 -41.56
C TRP C 176 -23.84 -25.23 -42.31
N ASN C 177 -23.79 -25.30 -43.65
CA ASN C 177 -24.06 -24.19 -44.56
C ASN C 177 -23.22 -22.94 -44.22
N SER C 178 -21.92 -23.16 -43.93
CA SER C 178 -20.95 -22.15 -43.55
C SER C 178 -21.34 -21.37 -42.28
N GLY C 179 -22.10 -22.01 -41.38
CA GLY C 179 -22.55 -21.39 -40.14
C GLY C 179 -23.89 -20.69 -40.23
N ALA C 180 -24.53 -20.67 -41.40
CA ALA C 180 -25.86 -20.07 -41.55
C ALA C 180 -26.93 -20.99 -40.93
N LEU C 181 -26.60 -22.29 -40.74
CA LEU C 181 -27.53 -23.26 -40.14
C LEU C 181 -27.01 -23.71 -38.78
N THR C 182 -27.68 -23.32 -37.68
CA THR C 182 -27.24 -23.68 -36.33
C THR C 182 -28.32 -24.39 -35.52
N SER C 183 -29.57 -24.04 -35.78
CA SER C 183 -30.72 -24.65 -35.12
C SER C 183 -30.83 -26.08 -35.60
N GLY C 184 -31.03 -26.99 -34.65
CA GLY C 184 -31.19 -28.41 -34.94
C GLY C 184 -29.91 -29.17 -35.26
N VAL C 185 -28.72 -28.53 -35.02
CA VAL C 185 -27.43 -29.19 -35.26
C VAL C 185 -27.01 -29.97 -34.01
N HIS C 186 -26.63 -31.25 -34.20
CA HIS C 186 -26.11 -32.10 -33.14
C HIS C 186 -24.84 -32.79 -33.61
N THR C 187 -23.69 -32.30 -33.13
CA THR C 187 -22.39 -32.88 -33.43
C THR C 187 -22.02 -33.75 -32.27
N PHE C 188 -21.86 -35.04 -32.54
CA PHE C 188 -21.62 -36.01 -31.46
C PHE C 188 -20.14 -36.09 -31.11
N PRO C 189 -19.82 -36.38 -29.83
CA PRO C 189 -18.42 -36.61 -29.46
C PRO C 189 -17.87 -37.78 -30.28
N ALA C 190 -16.58 -37.72 -30.57
CA ALA C 190 -15.89 -38.74 -31.37
C ALA C 190 -15.72 -40.06 -30.65
N VAL C 191 -15.67 -41.15 -31.44
CA VAL C 191 -15.32 -42.46 -30.95
C VAL C 191 -13.80 -42.62 -31.14
N LEU C 192 -13.09 -43.16 -30.13
CA LEU C 192 -11.66 -43.44 -30.27
C LEU C 192 -11.65 -44.91 -30.59
N GLN C 193 -11.23 -45.24 -31.81
CA GLN C 193 -11.19 -46.62 -32.27
C GLN C 193 -9.97 -47.36 -31.72
N SER C 194 -9.99 -48.72 -31.77
CA SER C 194 -8.85 -49.55 -31.31
C SER C 194 -7.60 -49.29 -32.18
N SER C 195 -7.80 -48.85 -33.46
CA SER C 195 -6.70 -48.49 -34.37
C SER C 195 -6.00 -47.17 -33.95
N GLY C 196 -6.58 -46.45 -32.99
CA GLY C 196 -6.09 -45.15 -32.52
C GLY C 196 -6.62 -43.98 -33.33
N LEU C 197 -7.46 -44.27 -34.33
CA LEU C 197 -8.10 -43.20 -35.14
C LEU C 197 -9.46 -42.82 -34.51
N TYR C 198 -9.89 -41.57 -34.78
CA TYR C 198 -11.18 -41.05 -34.33
C TYR C 198 -12.17 -41.03 -35.47
N SER C 199 -13.47 -41.11 -35.11
CA SER C 199 -14.57 -40.91 -36.06
C SER C 199 -15.68 -40.16 -35.32
N LEU C 200 -16.38 -39.27 -36.00
CA LEU C 200 -17.53 -38.61 -35.41
C LEU C 200 -18.62 -38.43 -36.42
N SER C 201 -19.80 -38.08 -35.95
CA SER C 201 -20.94 -37.77 -36.83
C SER C 201 -21.55 -36.46 -36.42
N SER C 202 -22.11 -35.74 -37.38
CA SER C 202 -22.85 -34.52 -37.11
C SER C 202 -24.17 -34.65 -37.84
N VAL C 203 -25.27 -34.42 -37.13
CA VAL C 203 -26.60 -34.50 -37.71
C VAL C 203 -27.34 -33.21 -37.56
N VAL C 204 -28.14 -32.87 -38.55
CA VAL C 204 -28.98 -31.71 -38.46
C VAL C 204 -30.43 -32.11 -38.74
N THR C 205 -31.33 -31.55 -37.94
CA THR C 205 -32.76 -31.80 -38.14
C THR C 205 -33.30 -30.62 -38.91
N VAL C 206 -33.95 -30.88 -40.04
CA VAL C 206 -34.43 -29.83 -40.94
C VAL C 206 -35.90 -30.06 -41.30
N PRO C 207 -36.61 -29.06 -41.87
CA PRO C 207 -37.97 -29.35 -42.33
C PRO C 207 -37.97 -30.35 -43.49
N SER C 208 -38.89 -31.32 -43.45
CA SER C 208 -39.02 -32.35 -44.48
C SER C 208 -39.37 -31.73 -45.84
N SER C 209 -40.11 -30.61 -45.86
CA SER C 209 -40.51 -29.89 -47.07
C SER C 209 -39.33 -29.17 -47.75
N SER C 210 -38.20 -29.01 -47.04
CA SER C 210 -37.02 -28.32 -47.52
C SER C 210 -36.08 -29.27 -48.29
N LEU C 211 -36.32 -30.59 -48.19
CA LEU C 211 -35.46 -31.59 -48.86
C LEU C 211 -35.58 -31.44 -50.39
N GLY C 212 -34.45 -31.40 -51.09
CA GLY C 212 -34.49 -31.22 -52.54
C GLY C 212 -34.93 -29.84 -53.01
N THR C 213 -34.90 -28.86 -52.10
CA THR C 213 -35.17 -27.44 -52.31
C THR C 213 -33.97 -26.67 -51.72
N GLN C 214 -33.59 -26.98 -50.45
CA GLN C 214 -32.46 -26.33 -49.77
C GLN C 214 -31.22 -27.18 -49.88
N THR C 215 -30.10 -26.54 -50.21
CA THR C 215 -28.84 -27.28 -50.22
C THR C 215 -28.34 -27.35 -48.79
N TYR C 216 -27.83 -28.53 -48.41
CA TYR C 216 -27.24 -28.78 -47.10
C TYR C 216 -25.85 -29.28 -47.29
N ILE C 217 -24.91 -28.55 -46.72
CA ILE C 217 -23.49 -28.82 -46.79
C ILE C 217 -22.89 -28.84 -45.40
N CYS C 218 -22.16 -29.91 -45.08
CA CYS C 218 -21.44 -29.92 -43.82
C CYS C 218 -20.01 -29.47 -44.11
N ASN C 219 -19.51 -28.56 -43.28
CA ASN C 219 -18.16 -28.00 -43.35
C ASN C 219 -17.34 -28.62 -42.26
N VAL C 220 -16.43 -29.49 -42.65
CA VAL C 220 -15.59 -30.22 -41.71
C VAL C 220 -14.18 -29.64 -41.75
N ASN C 221 -13.67 -29.19 -40.59
CA ASN C 221 -12.30 -28.67 -40.53
C ASN C 221 -11.45 -29.52 -39.66
N HIS C 222 -10.33 -30.00 -40.19
CA HIS C 222 -9.35 -30.77 -39.43
C HIS C 222 -8.00 -30.01 -39.54
N LYS C 223 -7.81 -28.99 -38.67
CA LYS C 223 -6.60 -28.15 -38.64
C LYS C 223 -5.30 -28.97 -38.56
N PRO C 224 -5.24 -30.07 -37.77
CA PRO C 224 -3.99 -30.86 -37.73
C PRO C 224 -3.49 -31.42 -39.08
N SER C 225 -4.38 -31.68 -40.06
CA SER C 225 -3.92 -32.13 -41.40
C SER C 225 -4.08 -30.99 -42.42
N ASN C 226 -4.37 -29.73 -41.97
CA ASN C 226 -4.61 -28.59 -42.89
C ASN C 226 -5.63 -28.99 -43.97
N THR C 227 -6.67 -29.73 -43.56
CA THR C 227 -7.72 -30.22 -44.45
C THR C 227 -9.08 -29.65 -44.05
N LYS C 228 -9.81 -29.20 -45.06
CA LYS C 228 -11.17 -28.71 -44.88
C LYS C 228 -12.01 -29.38 -45.95
N VAL C 229 -13.15 -29.97 -45.56
CA VAL C 229 -14.04 -30.66 -46.51
C VAL C 229 -15.45 -30.07 -46.39
N ASP C 230 -16.04 -29.69 -47.52
CA ASP C 230 -17.43 -29.21 -47.61
C ASP C 230 -18.19 -30.28 -48.35
N LYS C 231 -19.00 -31.08 -47.63
CA LYS C 231 -19.69 -32.19 -48.24
C LYS C 231 -21.17 -31.90 -48.42
N LYS C 232 -21.62 -31.96 -49.66
CA LYS C 232 -23.03 -31.77 -49.97
C LYS C 232 -23.80 -33.04 -49.59
N VAL C 233 -24.90 -32.88 -48.85
CA VAL C 233 -25.73 -34.00 -48.39
C VAL C 233 -27.09 -33.86 -49.03
N GLU C 234 -27.43 -34.84 -49.84
CA GLU C 234 -28.72 -34.74 -50.54
C GLU C 234 -29.51 -36.03 -50.48
N PRO C 235 -30.85 -36.00 -50.66
CA PRO C 235 -31.63 -37.25 -50.63
C PRO C 235 -31.17 -38.20 -51.75
N LYS C 236 -31.20 -39.50 -51.49
CA LYS C 236 -30.78 -40.45 -52.51
C LYS C 236 -31.96 -40.97 -53.32
N SER C 237 -31.82 -40.95 -54.67
CA SER C 237 -32.84 -41.39 -55.62
C SER C 237 -32.21 -41.93 -56.90
N ASN D 1 5.99 -27.98 -1.81
CA ASN D 1 4.74 -28.21 -2.52
C ASN D 1 3.60 -28.62 -1.59
N PHE D 2 2.34 -28.62 -2.09
CA PHE D 2 1.18 -28.98 -1.29
C PHE D 2 0.10 -29.58 -2.18
N MET D 3 -0.93 -30.17 -1.56
CA MET D 3 -2.05 -30.67 -2.33
C MET D 3 -3.37 -30.19 -1.75
N LEU D 4 -4.41 -30.22 -2.60
CA LEU D 4 -5.77 -29.82 -2.26
C LEU D 4 -6.66 -31.02 -2.47
N THR D 5 -7.37 -31.42 -1.44
CA THR D 5 -8.25 -32.59 -1.50
C THR D 5 -9.69 -32.14 -1.56
N GLN D 6 -10.41 -32.64 -2.55
CA GLN D 6 -11.82 -32.37 -2.73
C GLN D 6 -12.55 -33.72 -2.79
N PRO D 7 -13.84 -33.82 -2.41
CA PRO D 7 -14.55 -35.10 -2.60
C PRO D 7 -14.71 -35.38 -4.11
N HIS D 8 -14.62 -36.66 -4.51
CA HIS D 8 -14.78 -37.04 -5.92
C HIS D 8 -16.18 -36.69 -6.46
N SER D 9 -17.21 -36.75 -5.60
CA SER D 9 -18.58 -36.42 -6.00
C SER D 9 -19.46 -35.96 -4.86
N VAL D 10 -20.38 -35.04 -5.18
CA VAL D 10 -21.38 -34.54 -4.22
C VAL D 10 -22.75 -34.62 -4.92
N SER D 11 -23.79 -34.95 -4.16
CA SER D 11 -25.15 -35.10 -4.68
C SER D 11 -26.15 -34.47 -3.73
N GLU D 12 -27.21 -33.87 -4.31
CA GLU D 12 -28.33 -33.24 -3.59
C GLU D 12 -29.51 -33.01 -4.53
N SER D 13 -30.71 -32.89 -3.96
CA SER D 13 -31.96 -32.65 -4.68
C SER D 13 -32.16 -31.13 -4.95
N PRO D 14 -32.98 -30.73 -5.96
CA PRO D 14 -33.22 -29.30 -6.21
C PRO D 14 -33.78 -28.49 -5.04
N GLY D 15 -33.35 -27.24 -4.94
CA GLY D 15 -33.76 -26.31 -3.89
C GLY D 15 -33.01 -26.44 -2.58
N LYS D 16 -32.22 -27.53 -2.44
CA LYS D 16 -31.40 -27.81 -1.25
C LYS D 16 -30.06 -27.06 -1.32
N THR D 17 -29.29 -27.09 -0.22
CA THR D 17 -27.98 -26.44 -0.09
C THR D 17 -26.87 -27.50 -0.14
N VAL D 18 -25.86 -27.30 -1.01
CA VAL D 18 -24.74 -28.22 -1.16
C VAL D 18 -23.44 -27.54 -0.78
N THR D 19 -22.52 -28.30 -0.14
CA THR D 19 -21.21 -27.79 0.24
C THR D 19 -20.11 -28.68 -0.33
N ILE D 20 -19.14 -28.07 -1.00
CA ILE D 20 -17.98 -28.76 -1.58
C ILE D 20 -16.77 -28.25 -0.83
N SER D 21 -16.07 -29.13 -0.11
CA SER D 21 -14.90 -28.73 0.66
C SER D 21 -13.60 -28.95 -0.09
N CYS D 22 -12.57 -28.22 0.31
CA CYS D 22 -11.24 -28.23 -0.31
C CYS D 22 -10.21 -28.12 0.81
N THR D 23 -9.54 -29.23 1.16
CA THR D 23 -8.56 -29.27 2.26
C THR D 23 -7.12 -29.19 1.77
N ARG D 24 -6.37 -28.22 2.30
CA ARG D 24 -4.97 -27.97 1.99
C ARG D 24 -4.10 -28.85 2.91
N SER D 25 -3.17 -29.64 2.31
CA SER D 25 -2.31 -30.57 3.05
C SER D 25 -1.23 -29.91 3.91
N SER D 26 -0.55 -28.88 3.37
CA SER D 26 0.52 -28.14 4.06
C SER D 26 0.45 -26.66 3.73
N GLY D 27 0.90 -25.84 4.67
CA GLY D 27 0.81 -24.39 4.54
C GLY D 27 -0.53 -23.94 5.06
N SER D 28 -0.59 -22.72 5.63
CA SER D 28 -1.83 -22.19 6.19
C SER D 28 -2.76 -21.71 5.07
N LEU D 29 -3.97 -22.28 4.99
CA LEU D 29 -4.98 -21.94 3.98
C LEU D 29 -5.29 -20.45 3.95
N ALA D 30 -5.47 -19.86 5.14
CA ALA D 30 -5.77 -18.43 5.34
C ALA D 30 -4.66 -17.46 4.87
N ASN D 31 -3.46 -17.96 4.52
CA ASN D 31 -2.39 -17.09 4.03
C ASN D 31 -2.47 -16.82 2.52
N TYR D 32 -3.31 -17.59 1.79
CA TYR D 32 -3.41 -17.49 0.34
C TYR D 32 -4.85 -17.60 -0.12
N TYR D 33 -5.27 -16.72 -1.06
CA TYR D 33 -6.63 -16.70 -1.59
C TYR D 33 -7.02 -18.00 -2.28
N VAL D 34 -8.29 -18.38 -2.13
CA VAL D 34 -8.87 -19.60 -2.72
C VAL D 34 -9.85 -19.21 -3.82
N GLN D 35 -9.72 -19.86 -4.98
CA GLN D 35 -10.64 -19.63 -6.09
C GLN D 35 -11.41 -20.90 -6.34
N TRP D 36 -12.61 -20.75 -6.93
CA TRP D 36 -13.48 -21.86 -7.31
C TRP D 36 -13.90 -21.69 -8.76
N TYR D 37 -13.79 -22.78 -9.53
CA TYR D 37 -14.17 -22.82 -10.95
C TYR D 37 -15.23 -23.85 -11.24
N GLN D 38 -16.13 -23.54 -12.16
CA GLN D 38 -17.15 -24.46 -12.63
C GLN D 38 -16.71 -24.89 -14.05
N GLN D 39 -16.85 -26.19 -14.35
CA GLN D 39 -16.56 -26.65 -15.70
C GLN D 39 -17.68 -27.54 -16.22
N ARG D 40 -18.36 -27.06 -17.26
CA ARG D 40 -19.47 -27.76 -17.91
C ARG D 40 -18.89 -28.69 -18.99
N PRO D 41 -19.63 -29.75 -19.43
CA PRO D 41 -19.08 -30.66 -20.46
C PRO D 41 -18.59 -29.96 -21.73
N GLY D 42 -17.37 -30.30 -22.17
CA GLY D 42 -16.70 -29.75 -23.34
C GLY D 42 -16.48 -28.24 -23.37
N SER D 43 -16.42 -27.62 -22.17
CA SER D 43 -16.26 -26.17 -22.06
C SER D 43 -15.04 -25.79 -21.24
N SER D 44 -14.58 -24.55 -21.42
CA SER D 44 -13.48 -23.95 -20.65
C SER D 44 -14.03 -23.75 -19.22
N PRO D 45 -13.17 -23.79 -18.17
CA PRO D 45 -13.67 -23.49 -16.82
C PRO D 45 -14.07 -22.02 -16.74
N THR D 46 -14.97 -21.70 -15.84
CA THR D 46 -15.39 -20.32 -15.60
C THR D 46 -15.26 -20.06 -14.10
N ILE D 47 -15.04 -18.80 -13.72
CA ILE D 47 -14.91 -18.36 -12.33
C ILE D 47 -16.28 -18.31 -11.62
N VAL D 48 -16.36 -18.99 -10.48
CA VAL D 48 -17.56 -18.94 -9.63
C VAL D 48 -17.22 -18.02 -8.46
N ILE D 49 -16.06 -18.26 -7.83
CA ILE D 49 -15.59 -17.48 -6.69
C ILE D 49 -14.10 -17.19 -6.85
N PHE D 50 -13.65 -15.96 -6.48
CA PHE D 50 -12.23 -15.64 -6.46
C PHE D 50 -11.95 -14.92 -5.15
N ALA D 51 -10.68 -14.91 -4.69
CA ALA D 51 -10.28 -14.27 -3.44
C ALA D 51 -11.18 -14.70 -2.25
N ASN D 52 -11.37 -16.03 -2.08
CA ASN D 52 -12.16 -16.71 -1.03
C ASN D 52 -13.67 -16.59 -1.14
N ASN D 53 -14.20 -15.36 -1.36
CA ASN D 53 -15.65 -15.13 -1.34
C ASN D 53 -16.19 -14.09 -2.32
N GLN D 54 -15.36 -13.64 -3.27
CA GLN D 54 -15.79 -12.65 -4.26
C GLN D 54 -16.53 -13.31 -5.39
N ARG D 55 -17.74 -12.82 -5.64
CA ARG D 55 -18.60 -13.36 -6.67
C ARG D 55 -18.59 -12.39 -7.86
N PRO D 56 -18.06 -12.78 -9.04
CA PRO D 56 -18.11 -11.86 -10.19
C PRO D 56 -19.54 -11.65 -10.70
N SER D 57 -19.76 -10.55 -11.45
CA SER D 57 -21.06 -10.22 -12.05
C SER D 57 -21.41 -11.33 -13.04
N GLY D 58 -22.65 -11.78 -13.00
CA GLY D 58 -23.11 -12.88 -13.85
C GLY D 58 -23.22 -14.19 -13.09
N VAL D 59 -22.51 -14.30 -11.95
CA VAL D 59 -22.56 -15.49 -11.11
C VAL D 59 -23.73 -15.36 -10.12
N PRO D 60 -24.71 -16.30 -10.13
CA PRO D 60 -25.86 -16.19 -9.21
C PRO D 60 -25.47 -16.11 -7.74
N ASP D 61 -26.26 -15.34 -6.95
CA ASP D 61 -26.15 -15.08 -5.51
C ASP D 61 -26.14 -16.37 -4.68
N ARG D 62 -26.68 -17.47 -5.24
CA ARG D 62 -26.77 -18.83 -4.69
C ARG D 62 -25.38 -19.44 -4.41
N PHE D 63 -24.35 -18.97 -5.13
CA PHE D 63 -22.97 -19.43 -4.97
C PHE D 63 -22.24 -18.55 -3.99
N SER D 64 -21.59 -19.15 -2.99
CA SER D 64 -20.80 -18.42 -2.00
C SER D 64 -19.58 -19.22 -1.54
N GLY D 65 -18.53 -18.49 -1.19
CA GLY D 65 -17.29 -19.08 -0.74
C GLY D 65 -16.97 -18.71 0.69
N SER D 66 -16.27 -19.59 1.39
CA SER D 66 -15.85 -19.37 2.78
C SER D 66 -14.60 -20.18 3.06
N ILE D 67 -13.91 -19.84 4.13
CA ILE D 67 -12.70 -20.52 4.57
C ILE D 67 -12.80 -20.91 6.05
N ASP D 68 -12.15 -22.03 6.41
CA ASP D 68 -12.08 -22.54 7.78
C ASP D 68 -10.62 -22.85 8.14
N SER D 69 -9.95 -21.90 8.80
CA SER D 69 -8.54 -22.03 9.21
C SER D 69 -8.32 -23.18 10.22
N SER D 70 -9.32 -23.48 11.06
CA SER D 70 -9.28 -24.56 12.06
C SER D 70 -9.10 -25.94 11.39
N SER D 71 -9.77 -26.17 10.24
CA SER D 71 -9.70 -27.43 9.49
C SER D 71 -8.77 -27.33 8.26
N ASN D 72 -8.17 -26.13 7.99
CA ASN D 72 -7.30 -25.83 6.84
C ASN D 72 -8.02 -26.14 5.50
N SER D 73 -9.32 -25.78 5.44
CA SER D 73 -10.15 -26.05 4.27
C SER D 73 -10.97 -24.86 3.85
N ALA D 74 -11.33 -24.84 2.57
CA ALA D 74 -12.19 -23.82 1.98
C ALA D 74 -13.46 -24.52 1.53
N SER D 75 -14.56 -23.78 1.40
CA SER D 75 -15.81 -24.39 0.94
C SER D 75 -16.56 -23.55 -0.08
N LEU D 76 -17.21 -24.25 -1.00
CA LEU D 76 -18.10 -23.64 -1.98
C LEU D 76 -19.48 -24.12 -1.60
N THR D 77 -20.37 -23.18 -1.33
CA THR D 77 -21.74 -23.51 -0.97
C THR D 77 -22.67 -23.01 -2.04
N ILE D 78 -23.59 -23.89 -2.46
CA ILE D 78 -24.59 -23.56 -3.46
C ILE D 78 -25.94 -23.72 -2.76
N SER D 79 -26.66 -22.60 -2.56
CA SER D 79 -28.01 -22.63 -1.97
C SER D 79 -29.01 -22.67 -3.12
N GLY D 80 -30.25 -23.10 -2.84
CA GLY D 80 -31.31 -23.20 -3.85
C GLY D 80 -30.86 -23.89 -5.12
N LEU D 81 -30.19 -25.06 -4.95
CA LEU D 81 -29.62 -25.89 -6.01
C LEU D 81 -30.53 -26.06 -7.20
N LYS D 82 -30.00 -25.78 -8.40
CA LYS D 82 -30.75 -25.92 -9.65
C LYS D 82 -30.14 -27.03 -10.49
N THR D 83 -30.96 -27.59 -11.39
CA THR D 83 -30.53 -28.65 -12.31
C THR D 83 -29.36 -28.16 -13.20
N GLU D 84 -29.34 -26.85 -13.55
CA GLU D 84 -28.27 -26.22 -14.35
C GLU D 84 -26.92 -26.13 -13.59
N ASP D 85 -26.91 -26.43 -12.26
CA ASP D 85 -25.69 -26.39 -11.44
C ASP D 85 -24.85 -27.65 -11.61
N GLU D 86 -25.37 -28.67 -12.30
CA GLU D 86 -24.59 -29.87 -12.58
C GLU D 86 -23.38 -29.51 -13.43
N ALA D 87 -22.18 -29.89 -12.94
CA ALA D 87 -20.89 -29.60 -13.55
C ALA D 87 -19.80 -30.13 -12.64
N ASP D 88 -18.54 -29.94 -13.04
CA ASP D 88 -17.37 -30.27 -12.22
C ASP D 88 -16.92 -28.95 -11.56
N TYR D 89 -16.51 -29.03 -10.30
CA TYR D 89 -16.05 -27.87 -9.53
C TYR D 89 -14.66 -28.09 -9.04
N TYR D 90 -13.78 -27.09 -9.23
CA TYR D 90 -12.39 -27.20 -8.81
C TYR D 90 -12.04 -26.05 -7.90
N CYS D 91 -11.33 -26.35 -6.82
CA CYS D 91 -10.79 -25.30 -5.97
C CYS D 91 -9.35 -25.09 -6.42
N GLN D 92 -8.80 -23.91 -6.12
CA GLN D 92 -7.45 -23.58 -6.50
C GLN D 92 -6.87 -22.59 -5.50
N THR D 93 -5.58 -22.74 -5.18
CA THR D 93 -4.87 -21.78 -4.35
C THR D 93 -3.39 -21.84 -4.75
N TYR D 94 -2.52 -21.29 -3.91
CA TYR D 94 -1.12 -21.14 -4.25
C TYR D 94 -0.25 -20.96 -3.01
N ASP D 95 1.05 -20.84 -3.26
CA ASP D 95 2.03 -20.50 -2.26
C ASP D 95 2.97 -19.50 -2.97
N PRO D 96 4.09 -19.03 -2.37
CA PRO D 96 4.95 -18.07 -3.10
C PRO D 96 5.62 -18.58 -4.40
N TYR D 97 5.63 -19.90 -4.64
CA TYR D 97 6.34 -20.54 -5.75
C TYR D 97 5.48 -21.35 -6.74
N SER D 98 4.31 -21.83 -6.29
CA SER D 98 3.43 -22.74 -7.03
C SER D 98 1.98 -22.31 -7.02
N VAL D 99 1.20 -22.90 -7.92
CA VAL D 99 -0.24 -22.76 -8.03
C VAL D 99 -0.74 -24.20 -8.09
N VAL D 100 -1.79 -24.52 -7.33
CA VAL D 100 -2.31 -25.89 -7.25
C VAL D 100 -3.83 -25.91 -7.41
N PHE D 101 -4.34 -26.86 -8.20
CA PHE D 101 -5.78 -27.08 -8.32
C PHE D 101 -6.13 -28.34 -7.52
N GLY D 102 -7.31 -28.38 -6.92
CA GLY D 102 -7.83 -29.61 -6.32
C GLY D 102 -8.16 -30.57 -7.44
N GLY D 103 -8.45 -31.83 -7.10
CA GLY D 103 -8.78 -32.87 -8.05
C GLY D 103 -10.12 -32.73 -8.75
N GLY D 104 -10.95 -31.82 -8.28
CA GLY D 104 -12.28 -31.60 -8.85
C GLY D 104 -13.38 -32.44 -8.22
N THR D 105 -14.61 -31.93 -8.23
CA THR D 105 -15.78 -32.59 -7.64
C THR D 105 -16.90 -32.61 -8.65
N LYS D 106 -17.43 -33.80 -8.96
CA LYS D 106 -18.58 -33.89 -9.86
C LYS D 106 -19.87 -33.64 -9.07
N LEU D 107 -20.62 -32.58 -9.40
CA LEU D 107 -21.88 -32.28 -8.73
C LEU D 107 -23.07 -32.88 -9.50
N THR D 108 -23.84 -33.77 -8.83
CA THR D 108 -25.04 -34.41 -9.38
C THR D 108 -26.26 -33.81 -8.70
N VAL D 109 -27.23 -33.35 -9.51
CA VAL D 109 -28.50 -32.84 -8.98
C VAL D 109 -29.45 -34.04 -9.07
N LEU D 110 -29.88 -34.57 -7.91
CA LEU D 110 -30.72 -35.77 -7.87
C LEU D 110 -32.18 -35.47 -8.27
N GLY D 111 -32.94 -36.54 -8.52
CA GLY D 111 -34.37 -36.48 -8.79
C GLY D 111 -34.80 -36.04 -10.17
N GLN D 112 -33.85 -36.00 -11.11
CA GLN D 112 -34.12 -35.60 -12.49
C GLN D 112 -34.94 -36.65 -13.24
N PRO D 113 -35.92 -36.23 -14.08
CA PRO D 113 -36.77 -37.22 -14.74
C PRO D 113 -36.04 -38.12 -15.74
N LYS D 114 -36.48 -39.38 -15.78
CA LYS D 114 -35.98 -40.38 -16.72
C LYS D 114 -36.38 -39.89 -18.12
N ALA D 115 -35.48 -40.01 -19.11
CA ALA D 115 -35.78 -39.58 -20.46
C ALA D 115 -35.35 -40.67 -21.45
N ALA D 116 -36.27 -41.04 -22.37
CA ALA D 116 -36.03 -42.07 -23.38
C ALA D 116 -35.12 -41.54 -24.51
N PRO D 117 -34.22 -42.36 -25.07
CA PRO D 117 -33.37 -41.86 -26.14
C PRO D 117 -34.09 -41.68 -27.48
N SER D 118 -33.60 -40.73 -28.25
CA SER D 118 -33.95 -40.56 -29.65
C SER D 118 -32.85 -41.31 -30.41
N VAL D 119 -33.24 -42.22 -31.31
CA VAL D 119 -32.27 -43.05 -32.03
C VAL D 119 -32.44 -42.81 -33.53
N THR D 120 -31.33 -42.56 -34.21
CA THR D 120 -31.30 -42.42 -35.65
C THR D 120 -30.26 -43.39 -36.21
N LEU D 121 -30.65 -44.24 -37.18
CA LEU D 121 -29.72 -45.19 -37.78
C LEU D 121 -29.53 -44.90 -39.26
N PHE D 122 -28.27 -44.77 -39.69
CA PHE D 122 -27.98 -44.54 -41.11
C PHE D 122 -27.26 -45.74 -41.69
N PRO D 123 -27.65 -46.12 -42.90
CA PRO D 123 -26.94 -47.21 -43.60
C PRO D 123 -25.62 -46.67 -44.21
N PRO D 124 -24.76 -47.53 -44.80
CA PRO D 124 -23.57 -47.02 -45.51
C PRO D 124 -23.98 -46.15 -46.69
N SER D 125 -23.24 -45.07 -46.94
CA SER D 125 -23.51 -44.21 -48.09
C SER D 125 -23.02 -44.92 -49.36
N SER D 126 -23.54 -44.51 -50.55
CA SER D 126 -23.10 -45.04 -51.85
C SER D 126 -21.61 -44.78 -52.04
N GLU D 127 -21.17 -43.58 -51.63
CA GLU D 127 -19.79 -43.14 -51.74
C GLU D 127 -18.85 -44.04 -50.94
N GLU D 128 -19.24 -44.40 -49.72
CA GLU D 128 -18.39 -45.27 -48.87
C GLU D 128 -18.33 -46.69 -49.46
N LEU D 129 -19.47 -47.21 -49.91
CA LEU D 129 -19.55 -48.53 -50.57
C LEU D 129 -18.64 -48.62 -51.80
N GLN D 130 -18.59 -47.53 -52.58
CA GLN D 130 -17.76 -47.45 -53.79
C GLN D 130 -16.26 -47.50 -53.42
N ALA D 131 -15.91 -47.01 -52.21
CA ALA D 131 -14.56 -47.01 -51.66
C ALA D 131 -14.25 -48.35 -50.92
N ASN D 132 -15.08 -49.38 -51.17
CA ASN D 132 -14.98 -50.74 -50.63
C ASN D 132 -15.01 -50.81 -49.07
N LYS D 133 -15.82 -49.93 -48.45
CA LYS D 133 -16.00 -49.89 -47.01
C LYS D 133 -17.49 -49.74 -46.73
N ALA D 134 -17.91 -50.01 -45.48
CA ALA D 134 -19.33 -49.90 -45.11
C ALA D 134 -19.43 -49.66 -43.62
N THR D 135 -20.01 -48.52 -43.25
CA THR D 135 -20.19 -48.19 -41.84
C THR D 135 -21.66 -47.89 -41.58
N LEU D 136 -22.24 -48.55 -40.59
CA LEU D 136 -23.59 -48.27 -40.12
C LEU D 136 -23.40 -47.34 -38.93
N VAL D 137 -24.21 -46.29 -38.87
CA VAL D 137 -24.08 -45.23 -37.85
C VAL D 137 -25.36 -45.15 -37.03
N CYS D 138 -25.25 -45.48 -35.73
CA CYS D 138 -26.39 -45.43 -34.81
C CYS D 138 -26.19 -44.30 -33.80
N LEU D 139 -26.98 -43.25 -33.94
CA LEU D 139 -26.84 -42.04 -33.11
C LEU D 139 -27.90 -41.99 -32.06
N ILE D 140 -27.46 -41.85 -30.80
CA ILE D 140 -28.37 -41.92 -29.65
C ILE D 140 -28.33 -40.66 -28.80
N SER D 141 -29.45 -40.01 -28.60
CA SER D 141 -29.39 -38.78 -27.80
C SER D 141 -30.56 -38.51 -26.90
N ASP D 142 -30.39 -37.51 -26.03
CA ASP D 142 -31.41 -37.02 -25.09
C ASP D 142 -31.94 -38.08 -24.13
N PHE D 143 -31.08 -38.98 -23.65
CA PHE D 143 -31.51 -39.98 -22.67
C PHE D 143 -31.01 -39.63 -21.27
N TYR D 144 -31.78 -40.05 -20.26
CA TYR D 144 -31.44 -39.85 -18.84
C TYR D 144 -32.02 -40.99 -18.00
N PRO D 145 -31.25 -41.64 -17.09
CA PRO D 145 -29.83 -41.45 -16.75
C PRO D 145 -28.90 -41.90 -17.88
N GLY D 146 -27.60 -41.81 -17.62
CA GLY D 146 -26.56 -42.08 -18.61
C GLY D 146 -26.36 -43.50 -19.09
N ALA D 147 -26.84 -44.50 -18.37
CA ALA D 147 -26.57 -45.87 -18.79
C ALA D 147 -27.41 -46.27 -19.98
N VAL D 148 -26.80 -46.92 -20.93
CA VAL D 148 -27.48 -47.36 -22.12
C VAL D 148 -26.82 -48.63 -22.63
N THR D 149 -27.63 -49.56 -23.18
CA THR D 149 -27.14 -50.77 -23.80
C THR D 149 -27.36 -50.67 -25.31
N VAL D 150 -26.30 -50.90 -26.11
CA VAL D 150 -26.41 -50.88 -27.58
C VAL D 150 -26.02 -52.25 -28.13
N ALA D 151 -26.92 -52.87 -28.84
CA ALA D 151 -26.70 -54.18 -29.44
C ALA D 151 -26.97 -54.10 -30.92
N TRP D 152 -26.20 -54.85 -31.72
CA TRP D 152 -26.40 -54.88 -33.17
C TRP D 152 -26.84 -56.27 -33.58
N LYS D 153 -27.68 -56.34 -34.61
CA LYS D 153 -28.17 -57.56 -35.22
C LYS D 153 -27.91 -57.56 -36.72
N ALA D 154 -27.50 -58.71 -37.29
CA ALA D 154 -27.35 -58.93 -38.74
C ALA D 154 -28.52 -59.90 -38.94
N ASP D 155 -29.57 -59.43 -39.63
CA ASP D 155 -30.86 -60.12 -39.75
C ASP D 155 -31.41 -60.21 -38.29
N SER D 156 -31.46 -61.41 -37.70
CA SER D 156 -31.88 -61.59 -36.30
C SER D 156 -30.71 -62.02 -35.40
N SER D 157 -29.51 -62.23 -35.96
CA SER D 157 -28.36 -62.70 -35.21
C SER D 157 -27.53 -61.60 -34.53
N PRO D 158 -27.21 -61.74 -33.22
CA PRO D 158 -26.35 -60.74 -32.56
C PRO D 158 -24.99 -60.61 -33.24
N VAL D 159 -24.47 -59.36 -33.34
CA VAL D 159 -23.17 -58.99 -33.92
C VAL D 159 -22.35 -58.27 -32.85
N LYS D 160 -21.09 -58.70 -32.64
CA LYS D 160 -20.16 -58.02 -31.73
C LYS D 160 -18.88 -57.55 -32.45
N ALA D 161 -18.46 -58.32 -33.50
CA ALA D 161 -17.27 -57.95 -34.28
C ALA D 161 -17.57 -56.71 -35.12
N GLY D 162 -16.64 -55.78 -35.10
CA GLY D 162 -16.72 -54.55 -35.88
C GLY D 162 -17.53 -53.45 -35.21
N VAL D 163 -17.94 -53.63 -33.94
CA VAL D 163 -18.71 -52.56 -33.31
C VAL D 163 -17.83 -51.71 -32.36
N GLU D 164 -17.99 -50.38 -32.48
CA GLU D 164 -17.32 -49.36 -31.67
C GLU D 164 -18.42 -48.42 -31.13
N THR D 165 -18.59 -48.39 -29.80
CA THR D 165 -19.59 -47.58 -29.11
C THR D 165 -18.93 -46.61 -28.15
N THR D 166 -19.35 -45.36 -28.17
CA THR D 166 -18.81 -44.38 -27.25
C THR D 166 -19.40 -44.60 -25.86
N THR D 167 -18.69 -44.12 -24.83
CA THR D 167 -19.26 -44.10 -23.49
C THR D 167 -20.22 -42.87 -23.53
N PRO D 168 -21.37 -42.91 -22.87
CA PRO D 168 -22.27 -41.73 -22.93
C PRO D 168 -21.63 -40.44 -22.43
N SER D 169 -21.96 -39.34 -23.08
CA SER D 169 -21.40 -38.03 -22.75
C SER D 169 -22.52 -37.08 -22.41
N LYS D 170 -22.29 -36.24 -21.37
CA LYS D 170 -23.29 -35.30 -20.90
C LYS D 170 -23.44 -34.11 -21.83
N GLN D 171 -24.69 -33.83 -22.21
CA GLN D 171 -25.12 -32.75 -23.08
C GLN D 171 -25.34 -31.50 -22.22
N SER D 172 -25.50 -30.33 -22.86
CA SER D 172 -25.75 -29.06 -22.18
C SER D 172 -27.07 -29.06 -21.36
N ASN D 173 -28.07 -29.89 -21.76
CA ASN D 173 -29.37 -29.99 -21.09
C ASN D 173 -29.41 -31.07 -19.99
N ASN D 174 -28.23 -31.58 -19.57
CA ASN D 174 -28.06 -32.62 -18.53
C ASN D 174 -28.37 -34.02 -19.02
N LYS D 175 -28.92 -34.15 -20.25
CA LYS D 175 -29.19 -35.47 -20.80
C LYS D 175 -27.89 -35.98 -21.45
N TYR D 176 -27.91 -37.21 -22.01
CA TYR D 176 -26.70 -37.84 -22.52
C TYR D 176 -26.84 -38.23 -23.99
N ALA D 177 -25.70 -38.33 -24.64
CA ALA D 177 -25.60 -38.78 -26.02
C ALA D 177 -24.55 -39.86 -26.16
N ALA D 178 -24.73 -40.72 -27.16
CA ALA D 178 -23.76 -41.76 -27.48
C ALA D 178 -23.88 -42.11 -28.96
N SER D 179 -22.84 -42.75 -29.49
CA SER D 179 -22.91 -43.21 -30.86
C SER D 179 -22.29 -44.56 -30.96
N SER D 180 -22.80 -45.35 -31.87
CA SER D 180 -22.28 -46.69 -32.10
C SER D 180 -22.10 -46.88 -33.60
N TYR D 181 -20.95 -47.45 -33.97
CA TYR D 181 -20.54 -47.68 -35.36
C TYR D 181 -20.34 -49.15 -35.58
N LEU D 182 -20.91 -49.66 -36.65
CA LEU D 182 -20.71 -51.04 -37.07
C LEU D 182 -20.00 -51.06 -38.41
N SER D 183 -18.77 -51.58 -38.42
CA SER D 183 -17.94 -51.69 -39.62
C SER D 183 -18.14 -53.05 -40.28
N LEU D 184 -18.49 -53.03 -41.57
CA LEU D 184 -18.72 -54.25 -42.34
C LEU D 184 -17.96 -54.16 -43.65
N THR D 185 -17.84 -55.29 -44.36
CA THR D 185 -17.30 -55.26 -45.71
C THR D 185 -18.57 -54.97 -46.56
N PRO D 186 -18.46 -54.39 -47.78
CA PRO D 186 -19.65 -54.23 -48.63
C PRO D 186 -20.38 -55.56 -48.90
N GLU D 187 -19.62 -56.68 -48.96
CA GLU D 187 -20.12 -58.05 -49.18
C GLU D 187 -21.02 -58.48 -48.02
N GLN D 188 -20.59 -58.26 -46.76
CA GLN D 188 -21.38 -58.56 -45.54
C GLN D 188 -22.65 -57.73 -45.54
N TRP D 189 -22.55 -56.42 -45.94
CA TRP D 189 -23.70 -55.53 -46.01
C TRP D 189 -24.76 -56.02 -47.01
N LYS D 190 -24.32 -56.39 -48.23
CA LYS D 190 -25.22 -56.81 -49.32
C LYS D 190 -25.79 -58.23 -49.18
N SER D 191 -25.16 -59.11 -48.35
CA SER D 191 -25.56 -60.50 -48.18
C SER D 191 -26.64 -60.74 -47.10
N HIS D 192 -26.97 -59.71 -46.30
CA HIS D 192 -28.00 -59.83 -45.28
C HIS D 192 -29.23 -59.08 -45.72
N ARG D 193 -30.41 -59.48 -45.24
CA ARG D 193 -31.68 -58.83 -45.55
C ARG D 193 -31.74 -57.46 -44.85
N SER D 194 -31.21 -57.40 -43.62
CA SER D 194 -31.21 -56.15 -42.85
C SER D 194 -30.17 -56.19 -41.73
N TYR D 195 -29.93 -55.03 -41.12
CA TYR D 195 -29.12 -54.87 -39.92
C TYR D 195 -29.93 -53.97 -39.00
N SER D 196 -29.79 -54.17 -37.70
CA SER D 196 -30.49 -53.38 -36.71
C SER D 196 -29.58 -52.90 -35.60
N CYS D 197 -29.90 -51.71 -35.07
CA CYS D 197 -29.27 -51.13 -33.90
C CYS D 197 -30.36 -51.15 -32.82
N GLN D 198 -30.11 -51.86 -31.71
CA GLN D 198 -31.06 -52.01 -30.61
C GLN D 198 -30.54 -51.25 -29.43
N VAL D 199 -31.32 -50.28 -28.99
CA VAL D 199 -30.91 -49.43 -27.87
C VAL D 199 -31.82 -49.65 -26.67
N THR D 200 -31.26 -50.13 -25.58
CA THR D 200 -32.00 -50.40 -24.34
C THR D 200 -31.63 -49.38 -23.30
N HIS D 201 -32.67 -48.81 -22.69
CA HIS D 201 -32.53 -47.78 -21.68
C HIS D 201 -33.63 -47.93 -20.67
N GLU D 202 -33.24 -48.15 -19.40
CA GLU D 202 -34.17 -48.31 -18.29
C GLU D 202 -35.25 -49.39 -18.54
N GLY D 203 -34.83 -50.48 -19.15
CA GLY D 203 -35.69 -51.63 -19.42
C GLY D 203 -36.55 -51.57 -20.66
N SER D 204 -36.54 -50.41 -21.39
CA SER D 204 -37.28 -50.17 -22.65
C SER D 204 -36.32 -50.14 -23.82
N THR D 205 -36.74 -50.70 -24.97
CA THR D 205 -35.85 -50.80 -26.13
C THR D 205 -36.40 -50.06 -27.34
N VAL D 206 -35.52 -49.41 -28.11
CA VAL D 206 -35.88 -48.82 -29.40
C VAL D 206 -34.95 -49.50 -30.39
N GLU D 207 -35.51 -50.13 -31.43
CA GLU D 207 -34.74 -50.83 -32.46
C GLU D 207 -34.98 -50.14 -33.81
N LYS D 208 -33.88 -49.77 -34.46
CA LYS D 208 -33.93 -49.18 -35.79
C LYS D 208 -33.30 -50.17 -36.76
N THR D 209 -33.84 -50.27 -37.95
CA THR D 209 -33.40 -51.24 -38.95
C THR D 209 -33.11 -50.55 -40.27
N VAL D 210 -32.11 -51.05 -40.99
CA VAL D 210 -31.75 -50.56 -42.33
C VAL D 210 -31.51 -51.81 -43.22
N ALA D 211 -31.70 -51.65 -44.53
CA ALA D 211 -31.56 -52.73 -45.49
C ALA D 211 -30.80 -52.28 -46.72
N PRO D 212 -29.97 -53.16 -47.34
CA PRO D 212 -29.25 -52.74 -48.56
C PRO D 212 -30.15 -52.39 -49.73
N THR D 213 -29.68 -51.47 -50.59
CA THR D 213 -30.34 -50.90 -51.78
C THR D 213 -31.63 -50.12 -51.42
N GLU E 18 22.64 11.44 11.36
CA GLU E 18 21.78 11.95 12.43
C GLU E 18 20.86 13.05 11.91
N VAL E 19 19.57 12.93 12.26
CA VAL E 19 18.53 13.89 11.88
C VAL E 19 18.81 15.24 12.53
N GLN E 20 18.87 16.31 11.71
CA GLN E 20 19.07 17.65 12.21
C GLN E 20 18.03 18.59 11.59
N LEU E 21 17.38 19.41 12.41
CA LEU E 21 16.36 20.38 11.99
C LEU E 21 16.73 21.70 12.63
N LEU E 22 17.15 22.69 11.82
CA LEU E 22 17.60 23.99 12.35
C LEU E 22 16.74 25.15 11.92
N GLU E 23 15.93 25.65 12.86
CA GLU E 23 14.99 26.76 12.60
C GLU E 23 15.72 28.11 12.68
N SER E 24 15.29 29.06 11.86
CA SER E 24 15.77 30.44 11.88
C SER E 24 14.64 31.36 11.49
N GLY E 25 14.84 32.67 11.69
CA GLY E 25 13.86 33.66 11.26
C GLY E 25 13.02 34.29 12.36
N GLY E 26 13.08 33.75 13.56
CA GLY E 26 12.31 34.29 14.68
C GLY E 26 12.81 35.66 15.11
N GLY E 27 11.90 36.46 15.62
CA GLY E 27 12.22 37.82 16.08
C GLY E 27 10.99 38.52 16.54
N LEU E 28 11.13 39.82 16.79
CA LEU E 28 10.06 40.72 17.23
C LEU E 28 9.40 41.40 16.06
N VAL E 29 8.08 41.40 16.08
CA VAL E 29 7.28 42.00 15.01
C VAL E 29 6.08 42.69 15.66
N GLN E 30 5.61 43.77 15.08
CA GLN E 30 4.42 44.48 15.51
C GLN E 30 3.13 43.73 15.01
N PRO E 31 1.98 43.82 15.72
CA PRO E 31 0.74 43.25 15.17
C PRO E 31 0.46 43.74 13.74
N GLY E 32 -0.01 42.82 12.89
CA GLY E 32 -0.31 43.08 11.49
C GLY E 32 0.88 42.83 10.60
N GLY E 33 2.05 42.64 11.22
CA GLY E 33 3.32 42.44 10.55
C GLY E 33 3.47 41.05 9.97
N SER E 34 4.63 40.81 9.32
CA SER E 34 4.92 39.55 8.64
C SER E 34 6.28 39.06 9.05
N LEU E 35 6.49 37.74 8.97
CA LEU E 35 7.76 37.10 9.30
C LEU E 35 7.82 35.78 8.55
N ARG E 36 9.00 35.41 8.05
CA ARG E 36 9.17 34.11 7.39
C ARG E 36 10.13 33.27 8.22
N LEU E 37 9.70 32.07 8.65
CA LEU E 37 10.58 31.17 9.39
C LEU E 37 11.10 30.17 8.39
N SER E 38 12.30 29.65 8.65
CA SER E 38 12.94 28.64 7.84
C SER E 38 13.34 27.50 8.77
N CYS E 39 13.41 26.31 8.21
CA CYS E 39 13.91 25.14 8.90
C CYS E 39 14.83 24.39 7.92
N ALA E 40 16.14 24.33 8.22
CA ALA E 40 17.10 23.64 7.36
C ALA E 40 17.24 22.22 7.85
N ALA E 41 16.95 21.27 6.99
CA ALA E 41 17.04 19.86 7.37
C ALA E 41 18.26 19.20 6.77
N SER E 42 18.82 18.23 7.51
CA SER E 42 19.93 17.39 7.06
C SER E 42 19.87 16.03 7.82
N GLY E 43 20.60 15.03 7.32
CA GLY E 43 20.69 13.70 7.92
C GLY E 43 19.58 12.74 7.54
N PHE E 44 18.77 13.10 6.52
CA PHE E 44 17.65 12.27 6.00
C PHE E 44 17.25 12.76 4.61
N THR E 45 16.53 11.92 3.85
CA THR E 45 16.08 12.25 2.50
C THR E 45 14.83 13.12 2.65
N PHE E 46 15.05 14.45 2.77
CA PHE E 46 14.04 15.46 3.05
C PHE E 46 12.75 15.36 2.22
N SER E 47 12.87 15.23 0.89
CA SER E 47 11.70 15.18 -0.02
C SER E 47 10.73 14.01 0.25
N SER E 48 11.18 12.95 0.93
CA SER E 48 10.30 11.81 1.23
C SER E 48 9.64 11.90 2.62
N TYR E 49 9.69 13.09 3.28
CA TYR E 49 9.07 13.25 4.59
C TYR E 49 8.09 14.39 4.64
N ALA E 50 6.92 14.11 5.22
CA ALA E 50 5.94 15.13 5.51
C ALA E 50 6.59 15.94 6.67
N MET E 51 6.34 17.25 6.71
CA MET E 51 6.92 18.13 7.72
C MET E 51 5.82 18.93 8.37
N SER E 52 6.07 19.44 9.58
CA SER E 52 5.09 20.27 10.27
C SER E 52 5.75 21.34 11.13
N TRP E 53 4.94 22.33 11.48
CA TRP E 53 5.27 23.39 12.42
C TRP E 53 4.32 23.25 13.60
N VAL E 54 4.88 23.35 14.80
CA VAL E 54 4.16 23.26 16.08
C VAL E 54 4.68 24.44 16.92
N ARG E 55 3.81 25.09 17.68
CA ARG E 55 4.28 26.22 18.50
C ARG E 55 3.96 26.02 19.96
N GLN E 56 4.63 26.81 20.81
CA GLN E 56 4.44 26.75 22.24
C GLN E 56 4.67 28.14 22.85
N ALA E 57 3.62 28.74 23.36
CA ALA E 57 3.69 30.02 24.08
C ALA E 57 4.35 29.75 25.46
N PRO E 58 5.18 30.69 26.01
CA PRO E 58 5.85 30.42 27.31
C PRO E 58 4.90 29.95 28.42
N GLY E 59 5.27 28.85 29.05
CA GLY E 59 4.50 28.18 30.11
C GLY E 59 3.18 27.58 29.67
N LYS E 60 2.98 27.37 28.35
CA LYS E 60 1.75 26.80 27.82
C LYS E 60 2.02 25.48 27.08
N GLY E 61 0.97 24.87 26.56
CA GLY E 61 1.07 23.59 25.89
C GLY E 61 1.49 23.68 24.43
N LEU E 62 1.71 22.53 23.81
CA LEU E 62 2.09 22.43 22.40
C LEU E 62 0.84 22.63 21.56
N GLU E 63 0.96 23.42 20.47
CA GLU E 63 -0.18 23.69 19.56
C GLU E 63 0.26 23.46 18.12
N TRP E 64 -0.38 22.51 17.44
CA TRP E 64 -0.06 22.25 16.04
C TRP E 64 -0.44 23.47 15.20
N VAL E 65 0.44 23.84 14.25
CA VAL E 65 0.20 25.02 13.38
C VAL E 65 -0.14 24.62 11.93
N SER E 66 0.76 23.84 11.31
CA SER E 66 0.60 23.53 9.89
C SER E 66 1.42 22.31 9.51
N ALA E 67 1.06 21.65 8.41
CA ALA E 67 1.76 20.47 7.92
C ALA E 67 1.79 20.50 6.38
N ILE E 68 2.78 19.82 5.79
CA ILE E 68 2.97 19.76 4.34
C ILE E 68 3.46 18.37 3.94
N SER E 69 2.92 17.81 2.83
CA SER E 69 3.35 16.49 2.35
C SER E 69 4.81 16.59 1.82
N GLY E 70 5.47 15.44 1.68
CA GLY E 70 6.82 15.32 1.14
C GLY E 70 7.03 16.08 -0.17
N SER E 71 6.09 15.94 -1.13
CA SER E 71 6.15 16.62 -2.45
C SER E 71 5.81 18.11 -2.37
N GLY E 72 5.07 18.50 -1.33
CA GLY E 72 4.57 19.84 -1.12
C GLY E 72 3.21 20.06 -1.76
N GLY E 73 2.65 18.99 -2.35
CA GLY E 73 1.35 19.00 -3.05
C GLY E 73 0.14 19.16 -2.14
N SER E 74 0.28 18.82 -0.84
CA SER E 74 -0.82 18.89 0.13
C SER E 74 -0.35 19.69 1.33
N THR E 75 -1.18 20.64 1.78
CA THR E 75 -0.91 21.49 2.95
C THR E 75 -2.13 21.44 3.90
N TYR E 76 -1.89 21.61 5.21
CA TYR E 76 -2.89 21.51 6.26
C TYR E 76 -2.61 22.62 7.27
N TYR E 77 -3.68 23.22 7.81
CA TYR E 77 -3.55 24.36 8.72
C TYR E 77 -4.47 24.28 9.89
N ALA E 78 -4.01 24.79 11.05
CA ALA E 78 -4.88 24.90 12.24
C ALA E 78 -5.88 26.03 11.91
N ASP E 79 -7.11 25.94 12.45
CA ASP E 79 -8.14 26.97 12.23
C ASP E 79 -7.64 28.37 12.68
N SER E 80 -6.85 28.44 13.77
CA SER E 80 -6.27 29.66 14.34
C SER E 80 -5.32 30.40 13.35
N VAL E 81 -4.83 29.73 12.29
CA VAL E 81 -3.84 30.35 11.39
C VAL E 81 -4.29 30.37 9.91
N LYS E 82 -5.48 29.82 9.60
CA LYS E 82 -6.00 29.76 8.22
C LYS E 82 -6.13 31.15 7.60
N GLY E 83 -5.66 31.27 6.36
CA GLY E 83 -5.65 32.51 5.60
C GLY E 83 -4.56 33.51 5.99
N ARG E 84 -3.81 33.25 7.07
CA ARG E 84 -2.74 34.17 7.50
C ARG E 84 -1.36 33.55 7.29
N PHE E 85 -1.23 32.24 7.50
CA PHE E 85 0.07 31.58 7.36
C PHE E 85 0.07 30.67 6.13
N THR E 86 1.25 30.50 5.54
CA THR E 86 1.45 29.63 4.39
C THR E 86 2.68 28.75 4.67
N ILE E 87 2.48 27.43 4.60
CA ILE E 87 3.60 26.51 4.73
C ILE E 87 4.08 26.21 3.30
N SER E 88 5.39 26.09 3.08
CA SER E 88 5.93 25.71 1.76
C SER E 88 7.26 25.01 2.03
N ARG E 89 7.84 24.44 0.98
CA ARG E 89 9.13 23.75 1.12
C ARG E 89 9.91 23.87 -0.18
N ASP E 90 11.24 23.84 -0.09
CA ASP E 90 12.13 23.82 -1.27
C ASP E 90 12.95 22.56 -1.13
N ASN E 91 12.53 21.49 -1.84
CA ASN E 91 13.17 20.18 -1.77
C ASN E 91 14.59 20.16 -2.33
N SER E 92 14.94 21.11 -3.23
CA SER E 92 16.32 21.20 -3.74
C SER E 92 17.26 21.83 -2.69
N LYS E 93 16.71 22.63 -1.76
CA LYS E 93 17.50 23.28 -0.71
C LYS E 93 17.36 22.59 0.65
N ASN E 94 16.49 21.55 0.76
CA ASN E 94 16.20 20.82 2.02
C ASN E 94 15.70 21.81 3.09
N THR E 95 14.82 22.74 2.69
CA THR E 95 14.31 23.77 3.60
C THR E 95 12.80 23.77 3.66
N LEU E 96 12.27 23.94 4.87
CA LEU E 96 10.82 24.08 5.13
C LEU E 96 10.63 25.54 5.51
N TYR E 97 9.52 26.16 5.09
CA TYR E 97 9.22 27.54 5.42
C TYR E 97 7.86 27.70 6.06
N LEU E 98 7.71 28.80 6.81
CA LEU E 98 6.41 29.21 7.35
C LEU E 98 6.34 30.72 7.16
N GLN E 99 5.55 31.15 6.16
CA GLN E 99 5.35 32.56 5.89
C GLN E 99 4.17 32.95 6.80
N MET E 100 4.42 33.89 7.72
CA MET E 100 3.44 34.33 8.74
C MET E 100 3.01 35.78 8.48
N ASN E 101 1.77 36.02 7.97
CA ASN E 101 1.24 37.36 7.70
C ASN E 101 0.19 37.69 8.73
N SER E 102 -0.21 38.98 8.81
CA SER E 102 -1.29 39.40 9.70
C SER E 102 -1.11 38.87 11.12
N LEU E 103 0.12 38.94 11.61
CA LEU E 103 0.45 38.44 12.92
C LEU E 103 -0.30 39.17 14.04
N ARG E 104 -0.60 38.46 15.11
CA ARG E 104 -1.22 39.07 16.28
C ARG E 104 -0.51 38.63 17.52
N ALA E 105 -0.75 39.33 18.62
CA ALA E 105 -0.10 39.06 19.92
C ALA E 105 -0.15 37.58 20.33
N GLU E 106 -1.30 36.91 20.06
CA GLU E 106 -1.57 35.51 20.40
C GLU E 106 -0.71 34.50 19.59
N ASP E 107 0.00 34.99 18.56
CA ASP E 107 0.90 34.14 17.80
C ASP E 107 2.28 34.06 18.48
N THR E 108 2.51 34.88 19.55
CA THR E 108 3.80 34.83 20.28
C THR E 108 4.05 33.42 20.80
N ALA E 109 5.21 32.82 20.45
CA ALA E 109 5.57 31.44 20.82
C ALA E 109 6.90 31.06 20.29
N VAL E 110 7.44 29.92 20.80
CA VAL E 110 8.58 29.26 20.21
C VAL E 110 7.94 28.39 19.07
N TYR E 111 8.46 28.51 17.85
CA TYR E 111 8.00 27.70 16.72
C TYR E 111 9.00 26.61 16.43
N TYR E 112 8.52 25.36 16.45
CA TYR E 112 9.33 24.17 16.17
C TYR E 112 9.01 23.60 14.83
N CYS E 113 10.06 23.18 14.13
CA CYS E 113 10.03 22.44 12.85
C CYS E 113 9.95 20.94 13.30
N ALA E 114 9.18 20.10 12.60
CA ALA E 114 9.09 18.68 12.96
C ALA E 114 9.05 17.78 11.76
N ARG E 115 9.72 16.63 11.83
CA ARG E 115 9.70 15.63 10.77
C ARG E 115 8.66 14.57 11.10
N ASP E 116 7.79 14.28 10.12
CA ASP E 116 6.72 13.30 10.27
C ASP E 116 6.94 12.07 9.40
N LEU E 117 6.80 10.86 9.98
CA LEU E 117 6.97 9.58 9.27
C LEU E 117 5.82 9.35 8.29
N ILE E 118 4.62 9.79 8.67
CA ILE E 118 3.40 9.87 7.86
C ILE E 118 2.68 11.08 8.43
N HIS E 119 1.61 11.55 7.75
CA HIS E 119 0.80 12.66 8.27
C HIS E 119 0.37 12.36 9.72
N GLY E 120 0.74 13.27 10.60
CA GLY E 120 0.37 13.21 12.02
C GLY E 120 1.25 12.41 12.93
N VAL E 121 2.34 11.80 12.44
CA VAL E 121 3.21 10.96 13.30
C VAL E 121 4.58 11.64 13.37
N THR E 122 4.78 12.53 14.35
CA THR E 122 6.09 13.23 14.36
C THR E 122 7.13 12.44 15.12
N ARG E 123 8.29 12.32 14.47
CA ARG E 123 9.42 11.55 14.96
C ARG E 123 10.59 12.39 15.46
N ASN E 124 10.74 13.65 14.99
CA ASN E 124 11.87 14.51 15.35
C ASN E 124 11.43 15.95 15.42
N TRP E 125 12.03 16.69 16.35
CA TRP E 125 11.75 18.11 16.59
C TRP E 125 13.04 18.90 16.44
N GLY E 126 12.93 20.13 15.96
CA GLY E 126 14.01 21.09 15.90
C GLY E 126 14.20 21.70 17.29
N GLN E 127 15.07 22.72 17.39
CA GLN E 127 15.37 23.41 18.66
C GLN E 127 14.43 24.56 18.91
N GLY E 128 13.72 24.98 17.88
CA GLY E 128 12.78 26.08 17.98
C GLY E 128 13.37 27.45 17.70
N THR E 129 12.51 28.38 17.28
CA THR E 129 12.84 29.80 17.07
C THR E 129 11.74 30.64 17.72
N LEU E 130 12.14 31.65 18.51
CA LEU E 130 11.15 32.46 19.23
C LEU E 130 10.60 33.58 18.41
N VAL E 131 9.26 33.62 18.32
CA VAL E 131 8.55 34.69 17.60
C VAL E 131 7.78 35.53 18.65
N THR E 132 8.05 36.86 18.69
CA THR E 132 7.38 37.75 19.65
C THR E 132 6.57 38.73 18.84
N VAL E 133 5.26 38.77 19.08
CA VAL E 133 4.37 39.71 18.36
C VAL E 133 3.83 40.65 19.43
N SER E 134 4.20 41.93 19.36
CA SER E 134 3.87 42.91 20.39
C SER E 134 3.94 44.32 19.83
N SER E 135 3.13 45.23 20.40
CA SER E 135 3.18 46.62 19.97
C SER E 135 4.42 47.33 20.60
N ALA E 136 5.06 46.70 21.62
CA ALA E 136 6.28 47.20 22.31
C ALA E 136 7.50 47.06 21.41
N SER E 137 8.40 48.03 21.45
CA SER E 137 9.60 48.03 20.62
C SER E 137 10.80 47.40 21.33
N THR E 138 11.85 47.01 20.56
CA THR E 138 13.09 46.44 21.11
C THR E 138 13.73 47.44 22.10
N LYS E 139 14.15 46.95 23.30
CA LYS E 139 14.82 47.83 24.27
C LYS E 139 15.96 47.08 24.89
N GLY E 140 17.14 47.67 24.81
CA GLY E 140 18.32 47.09 25.45
C GLY E 140 18.27 47.32 26.96
N PRO E 141 18.82 46.39 27.78
CA PRO E 141 18.75 46.59 29.22
C PRO E 141 19.74 47.62 29.77
N SER E 142 19.47 48.12 30.97
CA SER E 142 20.48 48.89 31.68
C SER E 142 21.05 47.86 32.67
N VAL E 143 22.38 47.79 32.81
CA VAL E 143 23.04 46.82 33.69
C VAL E 143 23.62 47.52 34.91
N PHE E 144 23.20 47.07 36.12
CA PHE E 144 23.70 47.70 37.34
C PHE E 144 24.41 46.68 38.18
N PRO E 145 25.52 47.08 38.84
CA PRO E 145 26.21 46.13 39.74
C PRO E 145 25.42 45.94 41.02
N LEU E 146 25.45 44.70 41.57
CA LEU E 146 24.85 44.38 42.86
C LEU E 146 26.06 44.06 43.72
N ALA E 147 26.58 45.11 44.35
CA ALA E 147 27.83 45.07 45.09
C ALA E 147 27.80 44.17 46.32
N PRO E 148 28.89 43.42 46.54
CA PRO E 148 28.98 42.61 47.77
C PRO E 148 29.15 43.57 48.97
N SER E 149 28.58 43.21 50.10
CA SER E 149 28.64 44.01 51.33
C SER E 149 28.53 43.08 52.54
N SER E 150 28.51 43.63 53.77
CA SER E 150 28.35 42.83 54.98
C SER E 150 26.99 42.13 55.04
N LYS E 151 25.96 42.70 54.35
CA LYS E 151 24.61 42.11 54.32
C LYS E 151 24.44 41.02 53.27
N SER E 152 25.37 40.92 52.31
CA SER E 152 25.33 39.87 51.30
C SER E 152 26.41 38.81 51.63
N THR E 153 27.01 38.88 52.87
CA THR E 153 28.05 37.97 53.33
C THR E 153 27.72 37.24 54.65
N SER E 154 28.02 35.91 54.70
CA SER E 154 27.87 35.06 55.90
C SER E 154 28.58 33.73 55.65
N GLY E 155 29.07 33.10 56.73
CA GLY E 155 29.75 31.82 56.66
C GLY E 155 30.88 31.73 55.66
N GLY E 156 31.67 32.82 55.56
CA GLY E 156 32.85 32.89 54.72
C GLY E 156 32.59 33.15 53.24
N THR E 157 31.31 33.41 52.86
CA THR E 157 30.97 33.65 51.47
C THR E 157 30.31 35.02 51.30
N ALA E 158 30.55 35.62 50.16
CA ALA E 158 29.98 36.90 49.76
C ALA E 158 29.12 36.68 48.52
N ALA E 159 27.96 37.36 48.44
CA ALA E 159 27.14 37.31 47.23
C ALA E 159 27.32 38.64 46.51
N LEU E 160 27.56 38.57 45.21
CA LEU E 160 27.64 39.76 44.35
C LEU E 160 26.90 39.47 43.06
N GLY E 161 26.44 40.49 42.36
CA GLY E 161 25.71 40.20 41.14
C GLY E 161 25.57 41.35 40.18
N CYS E 162 24.71 41.13 39.19
CA CYS E 162 24.34 42.11 38.18
C CYS E 162 22.86 42.10 37.98
N LEU E 163 22.28 43.31 37.93
CA LEU E 163 20.86 43.50 37.67
C LEU E 163 20.73 43.93 36.20
N VAL E 164 19.97 43.17 35.42
CA VAL E 164 19.76 43.37 33.97
C VAL E 164 18.32 43.88 33.86
N LYS E 165 18.18 45.19 33.87
CA LYS E 165 16.90 45.85 34.00
C LYS E 165 16.25 46.28 32.71
N ASP E 166 14.95 46.00 32.58
CA ASP E 166 14.06 46.51 31.52
C ASP E 166 14.51 46.27 30.09
N TYR E 167 14.48 45.01 29.68
CA TYR E 167 14.82 44.70 28.29
C TYR E 167 13.61 44.06 27.62
N PHE E 168 13.57 44.08 26.28
CA PHE E 168 12.50 43.47 25.51
C PHE E 168 13.03 43.27 24.09
N PRO E 169 12.71 42.14 23.40
CA PRO E 169 12.03 40.94 23.90
C PRO E 169 13.05 40.02 24.59
N GLN E 170 12.63 38.79 24.90
CA GLN E 170 13.55 37.79 25.42
C GLN E 170 14.43 37.32 24.22
N PRO E 171 15.63 36.76 24.42
CA PRO E 171 16.28 36.42 25.68
C PRO E 171 17.52 37.28 25.94
N VAL E 172 18.09 37.11 27.14
CA VAL E 172 19.38 37.73 27.47
C VAL E 172 20.27 36.61 28.00
N THR E 173 21.57 36.77 27.85
CA THR E 173 22.49 35.78 28.40
C THR E 173 23.50 36.47 29.31
N VAL E 174 23.92 35.79 30.39
CA VAL E 174 24.90 36.37 31.30
C VAL E 174 25.99 35.36 31.56
N SER E 175 27.24 35.80 31.53
CA SER E 175 28.38 34.99 31.94
C SER E 175 29.17 35.84 32.94
N TRP E 176 30.12 35.21 33.65
CA TRP E 176 30.99 35.88 34.60
C TRP E 176 32.43 35.64 34.19
N ASN E 177 33.23 36.72 34.20
CA ASN E 177 34.67 36.71 33.88
C ASN E 177 34.93 36.02 32.53
N SER E 178 34.10 36.36 31.52
CA SER E 178 34.12 35.82 30.15
C SER E 178 33.97 34.28 30.09
N GLY E 179 33.27 33.71 31.08
CA GLY E 179 33.04 32.26 31.17
C GLY E 179 34.06 31.49 32.01
N ALA E 180 35.11 32.18 32.50
CA ALA E 180 36.14 31.56 33.34
C ALA E 180 35.61 31.27 34.75
N LEU E 181 34.51 31.97 35.18
CA LEU E 181 33.88 31.76 36.51
C LEU E 181 32.51 31.10 36.33
N THR E 182 32.40 29.84 36.77
CA THR E 182 31.15 29.07 36.68
C THR E 182 30.68 28.58 38.03
N SER E 183 31.62 28.29 38.93
CA SER E 183 31.31 27.81 40.27
C SER E 183 30.68 28.96 41.06
N GLY E 184 29.58 28.65 41.73
CA GLY E 184 28.83 29.62 42.53
C GLY E 184 27.94 30.58 41.76
N VAL E 185 27.80 30.40 40.44
CA VAL E 185 26.99 31.28 39.58
C VAL E 185 25.53 30.84 39.59
N HIS E 186 24.61 31.81 39.78
CA HIS E 186 23.17 31.59 39.70
C HIS E 186 22.50 32.71 38.91
N THR E 187 22.11 32.41 37.65
CA THR E 187 21.39 33.36 36.79
C THR E 187 19.92 33.03 36.89
N PHE E 188 19.13 33.99 37.38
CA PHE E 188 17.74 33.74 37.65
C PHE E 188 16.85 33.92 36.43
N PRO E 189 15.76 33.15 36.31
CA PRO E 189 14.78 33.43 35.22
C PRO E 189 14.24 34.85 35.37
N ALA E 190 13.91 35.45 34.26
CA ALA E 190 13.42 36.82 34.18
C ALA E 190 12.03 37.02 34.76
N VAL E 191 11.78 38.23 35.24
CA VAL E 191 10.45 38.61 35.68
C VAL E 191 9.83 39.36 34.50
N LEU E 192 8.55 39.14 34.20
CA LEU E 192 7.84 39.93 33.19
C LEU E 192 7.06 40.98 33.99
N GLN E 193 7.44 42.24 33.86
CA GLN E 193 6.82 43.33 34.62
C GLN E 193 5.51 43.77 34.00
N SER E 194 4.72 44.52 34.79
CA SER E 194 3.43 45.10 34.36
C SER E 194 3.60 46.07 33.18
N SER E 195 4.80 46.68 33.05
CA SER E 195 5.17 47.58 31.94
C SER E 195 5.36 46.79 30.62
N GLY E 196 5.47 45.47 30.72
CA GLY E 196 5.73 44.60 29.58
C GLY E 196 7.22 44.38 29.31
N LEU E 197 8.09 44.91 30.18
CA LEU E 197 9.53 44.72 29.99
C LEU E 197 9.99 43.63 30.93
N TYR E 198 11.11 42.99 30.61
CA TYR E 198 11.70 41.95 31.42
C TYR E 198 12.84 42.52 32.24
N SER E 199 13.14 41.89 33.39
CA SER E 199 14.34 42.16 34.18
C SER E 199 14.83 40.83 34.68
N LEU E 200 16.16 40.68 34.84
CA LEU E 200 16.69 39.49 35.46
C LEU E 200 17.90 39.84 36.29
N SER E 201 18.31 38.93 37.16
CA SER E 201 19.52 39.12 37.93
C SER E 201 20.41 37.90 37.79
N SER E 202 21.70 38.10 37.98
CA SER E 202 22.65 37.00 38.01
C SER E 202 23.53 37.24 39.24
N VAL E 203 23.72 36.22 40.05
CA VAL E 203 24.52 36.34 41.27
C VAL E 203 25.58 35.29 41.34
N VAL E 204 26.69 35.62 41.94
CA VAL E 204 27.74 34.65 42.19
C VAL E 204 28.13 34.70 43.67
N THR E 205 28.30 33.51 44.28
CA THR E 205 28.72 33.37 45.67
C THR E 205 30.19 33.00 45.58
N VAL E 206 31.03 33.81 46.23
CA VAL E 206 32.49 33.72 46.21
C VAL E 206 33.09 33.69 47.64
N PRO E 207 34.34 33.18 47.82
CA PRO E 207 34.96 33.27 49.15
C PRO E 207 35.06 34.75 49.52
N SER E 208 34.70 35.10 50.78
CA SER E 208 34.71 36.50 51.21
C SER E 208 36.10 37.12 51.19
N SER E 209 37.15 36.28 51.32
CA SER E 209 38.55 36.73 51.30
C SER E 209 39.05 37.11 49.89
N SER E 210 38.25 36.79 48.85
CA SER E 210 38.60 37.11 47.46
C SER E 210 38.15 38.53 47.05
N LEU E 211 37.31 39.18 47.89
CA LEU E 211 36.78 40.54 47.61
C LEU E 211 37.92 41.56 47.63
N GLY E 212 37.99 42.39 46.58
CA GLY E 212 39.06 43.38 46.48
C GLY E 212 40.45 42.81 46.15
N THR E 213 40.48 41.53 45.73
CA THR E 213 41.66 40.76 45.30
C THR E 213 41.34 40.20 43.90
N GLN E 214 40.17 39.55 43.73
CA GLN E 214 39.72 39.02 42.44
C GLN E 214 38.77 39.97 41.78
N THR E 215 38.99 40.21 40.49
CA THR E 215 38.04 41.04 39.74
C THR E 215 36.87 40.16 39.33
N TYR E 216 35.65 40.72 39.47
CA TYR E 216 34.42 40.07 39.06
C TYR E 216 33.70 40.97 38.08
N ILE E 217 33.47 40.45 36.90
CA ILE E 217 32.82 41.15 35.80
C ILE E 217 31.69 40.30 35.25
N CYS E 218 30.49 40.89 35.14
CA CYS E 218 29.40 40.17 34.51
C CYS E 218 29.31 40.62 33.05
N ASN E 219 29.21 39.66 32.15
CA ASN E 219 29.10 39.86 30.69
C ASN E 219 27.65 39.62 30.29
N VAL E 220 26.98 40.70 29.94
CA VAL E 220 25.57 40.66 29.57
C VAL E 220 25.42 40.85 28.06
N ASN E 221 24.62 39.99 27.42
CA ASN E 221 24.36 40.16 25.99
C ASN E 221 22.87 40.04 25.68
N HIS E 222 22.31 41.09 25.08
CA HIS E 222 20.92 41.11 24.66
C HIS E 222 20.98 41.22 23.12
N LYS E 223 21.10 40.05 22.44
CA LYS E 223 21.21 40.01 20.97
C LYS E 223 20.07 40.77 20.24
N PRO E 224 18.78 40.68 20.68
CA PRO E 224 17.72 41.44 19.97
C PRO E 224 17.93 42.95 19.83
N SER E 225 18.68 43.59 20.75
CA SER E 225 18.97 45.03 20.67
C SER E 225 20.47 45.29 20.38
N ASN E 226 21.26 44.22 20.11
CA ASN E 226 22.71 44.28 19.89
C ASN E 226 23.41 45.03 21.04
N THR E 227 23.07 44.68 22.29
CA THR E 227 23.66 45.29 23.48
C THR E 227 24.58 44.25 24.14
N LYS E 228 25.89 44.59 24.34
CA LYS E 228 26.86 43.77 25.09
C LYS E 228 27.46 44.68 26.14
N VAL E 229 27.28 44.32 27.42
CA VAL E 229 27.77 45.12 28.55
C VAL E 229 28.62 44.22 29.46
N ASP E 230 29.83 44.70 29.80
CA ASP E 230 30.75 44.03 30.75
C ASP E 230 30.80 44.93 31.95
N LYS E 231 30.14 44.53 33.05
CA LYS E 231 30.05 45.38 34.24
C LYS E 231 30.94 44.86 35.36
N LYS E 232 31.86 45.71 35.83
CA LYS E 232 32.73 45.36 36.96
C LYS E 232 31.94 45.51 38.25
N VAL E 233 31.98 44.46 39.10
CA VAL E 233 31.23 44.46 40.37
C VAL E 233 32.22 44.42 41.50
N GLU E 234 32.24 45.47 42.30
CA GLU E 234 33.21 45.55 43.38
C GLU E 234 32.59 46.03 44.67
N PRO E 235 33.21 45.75 45.86
CA PRO E 235 32.65 46.28 47.13
C PRO E 235 32.55 47.80 47.10
N LYS E 236 31.55 48.38 47.76
CA LYS E 236 31.41 49.83 47.75
C LYS E 236 32.12 50.48 48.95
N SER E 237 32.93 51.53 48.65
CA SER E 237 33.71 52.29 49.64
C SER E 237 33.96 53.71 49.13
N ILE F 2 19.43 28.76 -35.03
CA ILE F 2 19.07 27.69 -34.10
C ILE F 2 20.19 27.49 -33.05
N HIS F 3 19.82 27.51 -31.76
CA HIS F 3 20.73 27.32 -30.62
C HIS F 3 20.16 26.30 -29.64
N VAL F 4 20.99 25.35 -29.17
CA VAL F 4 20.55 24.32 -28.21
C VAL F 4 21.50 24.26 -26.99
N THR F 5 21.00 24.72 -25.84
CA THR F 5 21.73 24.72 -24.56
C THR F 5 21.78 23.28 -24.00
N ILE F 6 22.97 22.65 -24.06
CA ILE F 6 23.18 21.27 -23.60
C ILE F 6 24.19 21.20 -22.42
N PRO F 7 24.01 20.28 -21.43
CA PRO F 7 24.96 20.21 -20.30
C PRO F 7 26.34 19.66 -20.69
N ALA F 8 27.36 19.94 -19.84
CA ALA F 8 28.76 19.53 -20.03
C ALA F 8 28.97 18.02 -20.12
N ASP F 9 28.17 17.24 -19.39
CA ASP F 9 28.22 15.77 -19.38
C ASP F 9 27.81 15.15 -20.72
N LEU F 10 26.87 15.80 -21.43
CA LEU F 10 26.37 15.36 -22.75
C LEU F 10 27.40 15.61 -23.85
N TRP F 11 28.01 16.82 -23.91
CA TRP F 11 29.01 17.21 -24.90
C TRP F 11 30.27 16.33 -24.88
N ASP F 12 30.75 15.98 -23.66
CA ASP F 12 31.91 15.11 -23.43
C ASP F 12 31.67 13.72 -24.03
N TRP F 13 30.42 13.20 -23.91
CA TRP F 13 29.97 11.91 -24.42
C TRP F 13 29.92 11.88 -25.95
N ILE F 14 29.59 13.02 -26.59
CA ILE F 14 29.53 13.17 -28.06
C ILE F 14 30.95 13.12 -28.65
N ASN F 15 31.87 13.92 -28.08
CA ASN F 15 33.28 13.98 -28.51
C ASN F 15 34.18 13.20 -27.54
N ASN G 1 -13.17 18.74 13.74
CA ASN G 1 -12.09 18.84 14.72
C ASN G 1 -12.36 17.96 15.95
N PHE G 2 -11.35 17.77 16.81
CA PHE G 2 -11.47 16.93 18.01
C PHE G 2 -10.52 17.42 19.08
N MET G 3 -10.70 16.90 20.30
CA MET G 3 -9.78 17.26 21.37
C MET G 3 -9.28 16.02 22.09
N LEU G 4 -8.14 16.18 22.77
CA LEU G 4 -7.50 15.14 23.57
C LEU G 4 -7.41 15.63 24.99
N THR G 5 -7.98 14.85 25.91
CA THR G 5 -7.99 15.22 27.32
C THR G 5 -7.00 14.40 28.09
N GLN G 6 -6.10 15.09 28.79
CA GLN G 6 -5.10 14.48 29.66
C GLN G 6 -5.27 15.04 31.06
N PRO G 7 -4.88 14.32 32.14
CA PRO G 7 -4.94 14.95 33.48
C PRO G 7 -3.90 16.09 33.56
N HIS G 8 -4.25 17.23 34.17
CA HIS G 8 -3.34 18.39 34.31
C HIS G 8 -2.05 17.96 35.04
N SER G 9 -2.18 17.15 36.08
CA SER G 9 -0.99 16.71 36.81
C SER G 9 -1.15 15.33 37.45
N VAL G 10 -0.03 14.59 37.55
CA VAL G 10 -0.01 13.28 38.19
C VAL G 10 1.19 13.27 39.14
N SER G 11 0.99 12.83 40.39
CA SER G 11 2.05 12.66 41.38
C SER G 11 2.12 11.18 41.74
N GLU G 12 3.33 10.63 41.76
CA GLU G 12 3.53 9.24 42.14
C GLU G 12 4.83 9.10 42.86
N SER G 13 4.94 8.04 43.64
CA SER G 13 6.14 7.75 44.42
C SER G 13 7.14 6.90 43.62
N PRO G 14 8.47 7.00 43.92
CA PRO G 14 9.47 6.21 43.16
C PRO G 14 9.27 4.70 43.20
N GLY G 15 9.67 4.07 42.10
CA GLY G 15 9.61 2.62 41.92
C GLY G 15 8.26 2.08 41.51
N LYS G 16 7.23 2.92 41.58
CA LYS G 16 5.88 2.52 41.24
C LYS G 16 5.61 2.61 39.72
N THR G 17 4.45 2.13 39.30
CA THR G 17 4.03 2.20 37.90
C THR G 17 3.05 3.36 37.77
N VAL G 18 3.29 4.29 36.84
CA VAL G 18 2.40 5.42 36.60
C VAL G 18 1.74 5.31 35.24
N THR G 19 0.47 5.71 35.14
CA THR G 19 -0.28 5.70 33.90
C THR G 19 -0.83 7.10 33.64
N ILE G 20 -0.57 7.62 32.42
CA ILE G 20 -1.06 8.93 31.97
C ILE G 20 -2.01 8.62 30.83
N SER G 21 -3.30 8.96 31.00
CA SER G 21 -4.30 8.67 29.98
C SER G 21 -4.54 9.86 29.07
N CYS G 22 -5.06 9.58 27.89
CA CYS G 22 -5.30 10.57 26.84
C CYS G 22 -6.60 10.14 26.14
N THR G 23 -7.71 10.86 26.39
CA THR G 23 -9.03 10.53 25.83
C THR G 23 -9.38 11.42 24.64
N ARG G 24 -9.72 10.80 23.51
CA ARG G 24 -10.12 11.46 22.27
C ARG G 24 -11.64 11.73 22.33
N SER G 25 -12.05 12.99 22.09
CA SER G 25 -13.46 13.41 22.18
C SER G 25 -14.36 12.90 21.06
N SER G 26 -13.87 12.94 19.81
CA SER G 26 -14.60 12.51 18.61
C SER G 26 -13.66 11.83 17.62
N GLY G 27 -14.22 10.92 16.84
CA GLY G 27 -13.44 10.09 15.92
C GLY G 27 -12.91 8.89 16.69
N SER G 28 -12.73 7.76 16.02
CA SER G 28 -12.26 6.53 16.65
C SER G 28 -10.75 6.61 16.86
N LEU G 29 -10.31 6.53 18.12
CA LEU G 29 -8.90 6.59 18.51
C LEU G 29 -8.05 5.55 17.77
N ALA G 30 -8.57 4.31 17.63
CA ALA G 30 -7.89 3.20 16.94
C ALA G 30 -7.70 3.41 15.42
N ASN G 31 -8.30 4.45 14.82
CA ASN G 31 -8.12 4.70 13.40
C ASN G 31 -6.86 5.54 13.10
N TYR G 32 -6.23 6.14 14.14
CA TYR G 32 -5.08 7.02 13.97
C TYR G 32 -4.03 6.79 15.04
N TYR G 33 -2.75 6.71 14.65
CA TYR G 33 -1.63 6.50 15.57
C TYR G 33 -1.51 7.58 16.63
N VAL G 34 -1.11 7.18 17.84
CA VAL G 34 -0.94 8.06 19.00
C VAL G 34 0.55 8.16 19.33
N GLN G 35 1.03 9.39 19.52
CA GLN G 35 2.42 9.64 19.90
C GLN G 35 2.44 10.23 21.28
N TRP G 36 3.55 10.03 21.99
CA TRP G 36 3.79 10.59 23.32
C TRP G 36 5.12 11.29 23.33
N TYR G 37 5.14 12.52 23.87
CA TYR G 37 6.37 13.33 23.98
C TYR G 37 6.65 13.70 25.42
N GLN G 38 7.94 13.75 25.76
CA GLN G 38 8.40 14.20 27.07
C GLN G 38 9.01 15.60 26.83
N GLN G 39 8.74 16.54 27.74
CA GLN G 39 9.35 17.85 27.64
C GLN G 39 9.89 18.27 28.99
N ARG G 40 11.21 18.43 29.07
CA ARG G 40 11.90 18.87 30.28
C ARG G 40 11.95 20.41 30.26
N PRO G 41 12.10 21.09 31.41
CA PRO G 41 12.16 22.58 31.39
C PRO G 41 13.24 23.17 30.47
N GLY G 42 12.84 24.16 29.66
CA GLY G 42 13.71 24.84 28.71
C GLY G 42 14.28 23.97 27.60
N SER G 43 13.60 22.86 27.28
CA SER G 43 14.08 21.94 26.26
C SER G 43 13.02 21.68 25.18
N SER G 44 13.46 21.23 24.02
CA SER G 44 12.61 20.80 22.92
C SER G 44 11.92 19.49 23.40
N PRO G 45 10.69 19.18 22.92
CA PRO G 45 10.09 17.89 23.27
C PRO G 45 10.90 16.77 22.62
N THR G 46 10.85 15.58 23.21
CA THR G 46 11.52 14.41 22.66
C THR G 46 10.45 13.33 22.55
N ILE G 47 10.61 12.45 21.61
CA ILE G 47 9.61 11.41 21.47
C ILE G 47 9.92 10.26 22.46
N VAL G 48 8.88 9.79 23.14
CA VAL G 48 8.94 8.69 24.10
C VAL G 48 8.33 7.49 23.38
N ILE G 49 7.16 7.69 22.77
CA ILE G 49 6.42 6.64 22.07
C ILE G 49 5.88 7.21 20.74
N PHE G 50 5.94 6.43 19.64
CA PHE G 50 5.31 6.81 18.37
C PHE G 50 4.55 5.62 17.85
N ALA G 51 3.55 5.85 16.96
CA ALA G 51 2.73 4.77 16.40
C ALA G 51 2.15 3.83 17.50
N ASN G 52 1.52 4.44 18.54
CA ASN G 52 0.87 3.79 19.70
C ASN G 52 1.81 3.18 20.73
N ASN G 53 2.80 2.36 20.28
CA ASN G 53 3.64 1.60 21.21
C ASN G 53 5.10 1.42 20.79
N GLN G 54 5.55 2.14 19.75
CA GLN G 54 6.95 2.02 19.30
C GLN G 54 7.85 2.88 20.15
N ARG G 55 8.87 2.24 20.70
CA ARG G 55 9.83 2.90 21.54
C ARG G 55 11.13 3.12 20.78
N PRO G 56 11.53 4.37 20.49
CA PRO G 56 12.80 4.58 19.79
C PRO G 56 14.02 4.19 20.65
N SER G 57 15.17 3.95 19.98
CA SER G 57 16.43 3.63 20.64
C SER G 57 16.82 4.80 21.53
N GLY G 58 17.24 4.50 22.75
CA GLY G 58 17.61 5.53 23.71
C GLY G 58 16.53 5.77 24.75
N VAL G 59 15.29 5.33 24.45
CA VAL G 59 14.17 5.47 25.38
C VAL G 59 14.13 4.22 26.26
N PRO G 60 14.22 4.39 27.61
CA PRO G 60 14.21 3.21 28.50
C PRO G 60 12.98 2.33 28.34
N ASP G 61 13.18 1.00 28.51
CA ASP G 61 12.19 -0.08 28.45
C ASP G 61 11.01 0.12 29.41
N ARG G 62 11.22 0.96 30.46
CA ARG G 62 10.23 1.33 31.49
C ARG G 62 9.02 2.11 30.88
N PHE G 63 9.22 2.75 29.72
CA PHE G 63 8.18 3.49 29.03
C PHE G 63 7.48 2.60 28.04
N SER G 64 6.15 2.58 28.05
CA SER G 64 5.36 1.81 27.09
C SER G 64 4.03 2.50 26.79
N GLY G 65 3.55 2.29 25.57
CA GLY G 65 2.30 2.87 25.09
C GLY G 65 1.27 1.79 24.81
N SER G 66 0.00 2.13 24.97
CA SER G 66 -1.11 1.24 24.70
C SER G 66 -2.34 2.07 24.34
N ILE G 67 -3.32 1.41 23.74
CA ILE G 67 -4.57 2.03 23.35
C ILE G 67 -5.73 1.19 23.85
N ASP G 68 -6.84 1.85 24.16
CA ASP G 68 -8.07 1.18 24.60
C ASP G 68 -9.24 1.73 23.75
N SER G 69 -9.66 0.97 22.73
CA SER G 69 -10.72 1.39 21.81
C SER G 69 -12.09 1.58 22.48
N SER G 70 -12.38 0.76 23.51
CA SER G 70 -13.66 0.83 24.25
C SER G 70 -13.84 2.17 24.96
N SER G 71 -12.75 2.71 25.54
CA SER G 71 -12.77 4.00 26.24
C SER G 71 -12.30 5.17 25.37
N ASN G 72 -11.88 4.88 24.10
CA ASN G 72 -11.39 5.83 23.10
C ASN G 72 -10.20 6.63 23.66
N SER G 73 -9.31 5.93 24.38
CA SER G 73 -8.18 6.55 25.07
C SER G 73 -6.88 5.80 24.82
N ALA G 74 -5.77 6.53 25.02
CA ALA G 74 -4.43 6.00 24.90
C ALA G 74 -3.76 6.20 26.21
N SER G 75 -2.78 5.34 26.51
CA SER G 75 -2.09 5.50 27.78
C SER G 75 -0.58 5.37 27.65
N LEU G 76 0.13 6.16 28.45
CA LEU G 76 1.57 6.07 28.58
C LEU G 76 1.81 5.50 29.97
N THR G 77 2.53 4.36 30.03
CA THR G 77 2.88 3.68 31.27
C THR G 77 4.36 3.82 31.52
N ILE G 78 4.71 4.21 32.73
CA ILE G 78 6.11 4.31 33.15
C ILE G 78 6.25 3.37 34.36
N SER G 79 7.04 2.30 34.21
CA SER G 79 7.29 1.36 35.32
C SER G 79 8.58 1.81 36.03
N GLY G 80 8.78 1.37 37.26
CA GLY G 80 9.96 1.70 38.05
C GLY G 80 10.28 3.19 38.05
N LEU G 81 9.24 4.03 38.30
CA LEU G 81 9.31 5.48 38.28
C LEU G 81 10.57 6.04 38.97
N LYS G 82 11.30 6.92 38.28
CA LYS G 82 12.53 7.57 38.78
C LYS G 82 12.31 9.06 38.84
N THR G 83 13.06 9.78 39.70
CA THR G 83 12.96 11.25 39.80
C THR G 83 13.30 11.92 38.48
N GLU G 84 14.22 11.32 37.69
CA GLU G 84 14.55 11.86 36.34
C GLU G 84 13.37 11.80 35.35
N ASP G 85 12.28 11.06 35.68
CA ASP G 85 11.09 11.00 34.84
C ASP G 85 10.18 12.23 34.99
N GLU G 86 10.47 13.11 35.97
CA GLU G 86 9.71 14.36 36.17
C GLU G 86 9.87 15.22 34.93
N ALA G 87 8.74 15.61 34.34
CA ALA G 87 8.67 16.38 33.10
C ALA G 87 7.22 16.56 32.74
N ASP G 88 6.95 17.24 31.61
CA ASP G 88 5.61 17.37 31.08
C ASP G 88 5.49 16.32 29.97
N TYR G 89 4.32 15.66 29.90
CA TYR G 89 4.06 14.62 28.89
C TYR G 89 2.86 15.01 28.08
N TYR G 90 2.98 14.92 26.74
CA TYR G 90 1.90 15.27 25.86
C TYR G 90 1.56 14.11 24.97
N CYS G 91 0.26 13.86 24.79
CA CYS G 91 -0.16 12.86 23.81
C CYS G 91 -0.49 13.66 22.54
N GLN G 92 -0.48 12.97 21.41
CA GLN G 92 -0.75 13.61 20.14
C GLN G 92 -1.32 12.59 19.18
N THR G 93 -2.29 13.02 18.35
CA THR G 93 -2.84 12.16 17.30
C THR G 93 -3.36 13.10 16.19
N TYR G 94 -4.16 12.55 15.29
CA TYR G 94 -4.59 13.28 14.12
C TYR G 94 -5.86 12.71 13.52
N ASP G 95 -6.32 13.36 12.46
CA ASP G 95 -7.42 12.89 11.63
C ASP G 95 -6.96 13.16 10.20
N PRO G 96 -7.76 12.95 9.13
CA PRO G 96 -7.24 13.21 7.77
C PRO G 96 -6.86 14.66 7.45
N TYR G 97 -7.20 15.62 8.30
N TYR G 97 -7.33 15.64 8.28
CA TYR G 97 -6.76 16.98 8.00
CA TYR G 97 -7.24 17.09 8.07
C TYR G 97 -5.88 17.56 9.08
C TYR G 97 -6.45 17.91 9.09
N SER G 98 -6.30 17.39 10.32
CA SER G 98 -5.68 18.05 11.47
C SER G 98 -4.75 17.18 12.26
N VAL G 99 -3.94 17.83 13.10
CA VAL G 99 -3.05 17.20 14.08
C VAL G 99 -3.39 17.91 15.41
N VAL G 100 -3.53 17.13 16.50
CA VAL G 100 -3.97 17.66 17.79
C VAL G 100 -3.06 17.14 18.90
N PHE G 101 -2.65 18.03 19.81
CA PHE G 101 -1.90 17.66 21.00
C PHE G 101 -2.86 17.73 22.20
N GLY G 102 -2.68 16.84 23.17
CA GLY G 102 -3.40 16.95 24.43
C GLY G 102 -2.84 18.17 25.17
N GLY G 103 -3.50 18.57 26.26
CA GLY G 103 -3.07 19.72 27.06
C GLY G 103 -1.77 19.54 27.86
N GLY G 104 -1.28 18.31 27.92
CA GLY G 104 -0.06 17.99 28.67
C GLY G 104 -0.33 17.64 30.12
N THR G 105 0.53 16.79 30.68
CA THR G 105 0.42 16.30 32.05
C THR G 105 1.74 16.58 32.75
N LYS G 106 1.70 17.30 33.87
CA LYS G 106 2.90 17.55 34.65
C LYS G 106 3.10 16.32 35.58
N LEU G 107 4.18 15.58 35.40
CA LEU G 107 4.45 14.43 36.25
C LEU G 107 5.41 14.83 37.37
N THR G 108 4.96 14.63 38.63
CA THR G 108 5.74 14.93 39.85
C THR G 108 6.12 13.61 40.51
N VAL G 109 7.38 13.47 40.89
CA VAL G 109 7.84 12.28 41.59
C VAL G 109 7.99 12.69 43.07
N LEU G 110 7.25 11.99 43.95
CA LEU G 110 7.20 12.32 45.39
C LEU G 110 8.37 11.75 46.19
N GLY G 111 8.50 12.18 47.45
CA GLY G 111 9.52 11.70 48.39
C GLY G 111 10.86 12.42 48.32
N GLN G 112 10.97 13.49 47.52
CA GLN G 112 12.21 14.23 47.37
C GLN G 112 12.51 15.09 48.61
N PRO G 113 13.78 15.20 49.05
CA PRO G 113 14.07 15.95 50.30
C PRO G 113 13.72 17.42 50.24
N LYS G 114 13.21 17.95 51.36
CA LYS G 114 12.87 19.36 51.53
C LYS G 114 14.20 20.13 51.57
N ALA G 115 14.23 21.35 51.02
CA ALA G 115 15.43 22.21 51.03
C ALA G 115 15.03 23.63 51.33
N ALA G 116 15.66 24.24 52.33
CA ALA G 116 15.39 25.60 52.75
C ALA G 116 16.02 26.59 51.75
N PRO G 117 15.39 27.75 51.46
CA PRO G 117 16.01 28.67 50.52
C PRO G 117 17.18 29.49 51.10
N SER G 118 18.12 29.91 50.23
CA SER G 118 19.16 30.89 50.55
C SER G 118 18.51 32.18 50.10
N VAL G 119 18.48 33.21 50.95
CA VAL G 119 17.87 34.46 50.52
C VAL G 119 18.92 35.56 50.57
N THR G 120 19.00 36.37 49.49
CA THR G 120 19.91 37.50 49.44
C THR G 120 19.19 38.73 48.98
N LEU G 121 19.33 39.84 49.73
CA LEU G 121 18.66 41.08 49.40
C LEU G 121 19.66 42.16 49.07
N PHE G 122 19.51 42.79 47.89
CA PHE G 122 20.41 43.88 47.52
C PHE G 122 19.65 45.20 47.50
N PRO G 123 20.31 46.26 48.00
CA PRO G 123 19.71 47.60 47.90
C PRO G 123 19.94 48.19 46.50
N PRO G 124 19.37 49.39 46.20
CA PRO G 124 19.65 50.02 44.89
C PRO G 124 21.13 50.39 44.76
N SER G 125 21.67 50.27 43.54
CA SER G 125 23.07 50.65 43.26
C SER G 125 23.16 52.19 43.18
N SER G 126 24.37 52.75 43.36
CA SER G 126 24.62 54.19 43.25
C SER G 126 24.25 54.66 41.84
N GLU G 127 24.62 53.85 40.84
CA GLU G 127 24.37 54.12 39.42
C GLU G 127 22.90 54.28 39.14
N GLU G 128 22.07 53.37 39.68
CA GLU G 128 20.63 53.42 39.44
C GLU G 128 20.01 54.64 40.15
N LEU G 129 20.44 54.91 41.40
CA LEU G 129 19.97 56.07 42.19
C LEU G 129 20.26 57.39 41.47
N GLN G 130 21.44 57.47 40.82
CA GLN G 130 21.86 58.65 40.08
C GLN G 130 20.97 58.89 38.87
N ALA G 131 20.42 57.81 38.30
CA ALA G 131 19.51 57.81 37.15
C ALA G 131 18.03 58.00 37.62
N ASN G 132 17.84 58.43 38.88
CA ASN G 132 16.56 58.71 39.52
C ASN G 132 15.60 57.50 39.58
N LYS G 133 16.16 56.29 39.80
CA LYS G 133 15.40 55.04 39.92
C LYS G 133 15.96 54.26 41.11
N ALA G 134 15.21 53.29 41.63
CA ALA G 134 15.64 52.50 42.77
C ALA G 134 14.95 51.14 42.73
N THR G 135 15.73 50.08 42.65
CA THR G 135 15.19 48.72 42.65
C THR G 135 15.86 47.92 43.76
N LEU G 136 15.05 47.29 44.60
CA LEU G 136 15.51 46.36 45.63
C LEU G 136 15.33 44.98 45.00
N VAL G 137 16.33 44.15 45.14
CA VAL G 137 16.39 42.82 44.51
C VAL G 137 16.48 41.74 45.58
N CYS G 138 15.45 40.91 45.69
CA CYS G 138 15.40 39.79 46.64
C CYS G 138 15.52 38.47 45.88
N LEU G 139 16.64 37.79 46.05
CA LEU G 139 16.94 36.54 45.33
C LEU G 139 16.79 35.35 46.23
N ILE G 140 16.08 34.33 45.73
CA ILE G 140 15.73 33.16 46.52
C ILE G 140 16.15 31.92 45.79
N SER G 141 17.09 31.13 46.36
CA SER G 141 17.56 29.96 45.60
C SER G 141 17.62 28.67 46.41
N ASP G 142 17.75 27.53 45.70
CA ASP G 142 17.99 26.19 46.25
C ASP G 142 16.92 25.73 47.25
N PHE G 143 15.64 25.95 46.92
CA PHE G 143 14.56 25.51 47.80
C PHE G 143 13.74 24.38 47.16
N TYR G 144 13.19 23.52 48.00
CA TYR G 144 12.33 22.40 47.58
C TYR G 144 11.35 22.09 48.68
N PRO G 145 10.03 21.95 48.42
CA PRO G 145 9.32 22.11 47.12
C PRO G 145 9.30 23.56 46.62
N GLY G 146 8.73 23.75 45.42
CA GLY G 146 8.61 25.06 44.76
C GLY G 146 7.73 26.11 45.40
N ALA G 147 6.82 25.75 46.34
CA ALA G 147 5.93 26.78 46.92
C ALA G 147 6.69 27.78 47.82
N VAL G 148 6.60 29.07 47.51
CA VAL G 148 7.27 30.12 48.31
C VAL G 148 6.41 31.36 48.37
N THR G 149 6.38 32.04 49.52
CA THR G 149 5.65 33.29 49.69
C THR G 149 6.67 34.40 49.95
N VAL G 150 6.53 35.52 49.20
CA VAL G 150 7.41 36.68 49.35
C VAL G 150 6.59 37.91 49.76
N ALA G 151 6.99 38.56 50.83
CA ALA G 151 6.32 39.77 51.31
C ALA G 151 7.36 40.86 51.53
N TRP G 152 7.00 42.11 51.25
CA TRP G 152 7.89 43.23 51.43
C TRP G 152 7.37 44.15 52.51
N LYS G 153 8.30 44.78 53.24
CA LYS G 153 8.01 45.77 54.28
C LYS G 153 8.82 47.03 54.03
N ALA G 154 8.20 48.22 54.23
CA ALA G 154 8.87 49.54 54.22
C ALA G 154 8.80 49.85 55.73
N ASP G 155 9.97 49.83 56.40
CA ASP G 155 10.09 49.89 57.86
C ASP G 155 9.34 48.64 58.37
N SER G 156 8.16 48.79 59.01
CA SER G 156 7.36 47.64 59.46
C SER G 156 6.06 47.51 58.67
N SER G 157 5.78 48.42 57.72
CA SER G 157 4.53 48.40 56.96
C SER G 157 4.55 47.50 55.72
N PRO G 158 3.54 46.59 55.57
CA PRO G 158 3.48 45.76 54.34
C PRO G 158 3.39 46.65 53.09
N VAL G 159 4.05 46.24 52.01
CA VAL G 159 4.09 46.99 50.75
C VAL G 159 3.69 46.04 49.63
N LYS G 160 2.72 46.42 48.78
CA LYS G 160 2.31 45.63 47.64
C LYS G 160 2.57 46.36 46.32
N ALA G 161 2.48 47.70 46.33
CA ALA G 161 2.71 48.51 45.13
C ALA G 161 4.19 48.45 44.75
N GLY G 162 4.45 48.27 43.47
CA GLY G 162 5.80 48.23 42.91
C GLY G 162 6.50 46.89 43.05
N VAL G 163 5.79 45.84 43.51
CA VAL G 163 6.47 44.54 43.64
C VAL G 163 6.12 43.61 42.47
N GLU G 164 7.17 42.95 41.94
CA GLU G 164 7.11 41.99 40.82
C GLU G 164 7.90 40.77 41.25
N THR G 165 7.22 39.60 41.35
CA THR G 165 7.83 38.34 41.79
C THR G 165 7.67 37.27 40.70
N THR G 166 8.75 36.54 40.41
CA THR G 166 8.67 35.46 39.43
C THR G 166 7.95 34.26 40.01
N THR G 167 7.41 33.41 39.15
CA THR G 167 6.89 32.13 39.63
C THR G 167 8.16 31.26 39.75
N PRO G 168 8.33 30.47 40.82
CA PRO G 168 9.56 29.68 40.98
C PRO G 168 9.80 28.66 39.85
N SER G 169 11.06 28.47 39.46
CA SER G 169 11.37 27.48 38.42
C SER G 169 12.58 26.66 38.81
N LYS G 170 12.65 25.40 38.34
CA LYS G 170 13.74 24.50 38.66
C LYS G 170 15.06 24.94 38.06
N GLN G 171 16.10 24.78 38.86
CA GLN G 171 17.49 25.07 38.54
C GLN G 171 18.08 23.76 37.97
N SER G 172 19.35 23.82 37.53
CA SER G 172 20.10 22.64 37.04
C SER G 172 20.29 21.56 38.12
N ASN G 173 20.29 21.95 39.43
CA ASN G 173 20.45 21.02 40.56
C ASN G 173 19.10 20.45 41.07
N ASN G 174 18.03 20.66 40.31
CA ASN G 174 16.66 20.16 40.57
C ASN G 174 15.97 20.82 41.79
N LYS G 175 16.53 21.95 42.26
CA LYS G 175 15.93 22.74 43.35
C LYS G 175 15.32 23.98 42.67
N TYR G 176 14.48 24.74 43.36
CA TYR G 176 13.86 25.90 42.73
C TYR G 176 14.56 27.25 43.02
N ALA G 177 14.28 28.24 42.17
CA ALA G 177 14.78 29.61 42.33
C ALA G 177 13.65 30.56 41.98
N ALA G 178 13.68 31.76 42.59
CA ALA G 178 12.70 32.80 42.31
C ALA G 178 13.34 34.15 42.66
N SER G 179 12.75 35.22 42.13
CA SER G 179 13.25 36.55 42.49
C SER G 179 12.09 37.48 42.64
N SER G 180 12.29 38.48 43.48
CA SER G 180 11.26 39.50 43.70
C SER G 180 11.93 40.85 43.66
N TYR G 181 11.29 41.79 42.96
CA TYR G 181 11.79 43.13 42.73
C TYR G 181 10.83 44.13 43.31
N LEU G 182 11.36 45.08 44.05
CA LEU G 182 10.56 46.18 44.57
C LEU G 182 11.07 47.48 43.96
N SER G 183 10.21 48.13 43.15
CA SER G 183 10.53 49.39 42.50
C SER G 183 10.08 50.56 43.37
N LEU G 184 11.00 51.49 43.66
CA LEU G 184 10.73 52.67 44.48
C LEU G 184 11.28 53.90 43.81
N THR G 185 10.86 55.08 44.27
CA THR G 185 11.49 56.31 43.81
C THR G 185 12.70 56.47 44.75
N PRO G 186 13.78 57.20 44.36
CA PRO G 186 14.90 57.41 45.30
C PRO G 186 14.43 58.09 46.60
N GLU G 187 13.38 58.95 46.51
CA GLU G 187 12.78 59.66 47.65
C GLU G 187 12.16 58.68 48.65
N GLN G 188 11.38 57.68 48.15
CA GLN G 188 10.77 56.62 48.97
C GLN G 188 11.88 55.80 49.64
N TRP G 189 12.96 55.48 48.89
CA TRP G 189 14.11 54.72 49.42
C TRP G 189 14.80 55.46 50.57
N LYS G 190 15.09 56.75 50.39
CA LYS G 190 15.81 57.57 51.38
C LYS G 190 14.98 58.01 52.60
N SER G 191 13.64 57.99 52.50
CA SER G 191 12.74 58.44 53.58
C SER G 191 12.37 57.36 54.61
N HIS G 192 12.73 56.10 54.35
CA HIS G 192 12.46 55.03 55.30
C HIS G 192 13.76 54.61 55.96
N ARG G 193 13.66 54.07 57.18
CA ARG G 193 14.83 53.59 57.93
C ARG G 193 15.37 52.31 57.28
N SER G 194 14.47 51.46 56.79
CA SER G 194 14.85 50.20 56.16
C SER G 194 13.71 49.65 55.30
N TYR G 195 14.06 48.62 54.51
CA TYR G 195 13.12 47.83 53.73
C TYR G 195 13.50 46.39 53.98
N SER G 196 12.52 45.50 53.97
CA SER G 196 12.76 44.08 54.20
C SER G 196 12.02 43.21 53.18
N CYS G 197 12.65 42.08 52.87
CA CYS G 197 12.09 41.04 52.03
C CYS G 197 11.90 39.83 52.97
N GLN G 198 10.64 39.36 53.10
CA GLN G 198 10.28 38.24 53.98
C GLN G 198 9.91 37.06 53.12
N VAL G 199 10.62 35.96 53.31
CA VAL G 199 10.41 34.77 52.51
C VAL G 199 9.88 33.63 53.38
N THR G 200 8.70 33.12 53.05
CA THR G 200 8.09 32.00 53.78
C THR G 200 8.10 30.74 52.91
N HIS G 201 8.69 29.65 53.45
CA HIS G 201 8.77 28.35 52.78
C HIS G 201 8.59 27.25 53.82
N GLU G 202 7.65 26.33 53.56
CA GLU G 202 7.36 25.18 54.46
C GLU G 202 7.15 25.62 55.92
N GLY G 203 6.40 26.71 56.09
CA GLY G 203 6.03 27.24 57.41
C GLY G 203 7.05 28.06 58.16
N SER G 204 8.29 28.21 57.61
CA SER G 204 9.35 29.01 58.25
C SER G 204 9.57 30.30 57.46
N THR G 205 9.79 31.42 58.17
CA THR G 205 10.01 32.71 57.52
C THR G 205 11.40 33.26 57.80
N VAL G 206 12.07 33.69 56.73
CA VAL G 206 13.38 34.32 56.80
C VAL G 206 13.16 35.75 56.33
N GLU G 207 13.78 36.68 57.01
CA GLU G 207 13.66 38.08 56.65
C GLU G 207 15.04 38.73 56.47
N LYS G 208 15.25 39.40 55.33
CA LYS G 208 16.49 40.13 55.04
C LYS G 208 16.14 41.61 54.99
N THR G 209 17.02 42.45 55.50
CA THR G 209 16.78 43.89 55.58
C THR G 209 17.94 44.69 54.99
N VAL G 210 17.62 45.82 54.36
CA VAL G 210 18.60 46.77 53.80
C VAL G 210 18.19 48.18 54.22
N ALA G 211 19.16 49.09 54.28
CA ALA G 211 18.93 50.46 54.72
C ALA G 211 19.68 51.46 53.82
N PRO G 212 19.10 52.66 53.56
CA PRO G 212 19.83 53.64 52.72
C PRO G 212 21.16 54.10 53.32
N THR G 213 22.11 54.49 52.45
CA THR G 213 23.49 54.94 52.73
C THR G 213 24.33 53.83 53.39
C33 63Q H . 15.60 10.17 -16.87
C32 63Q H . 17.45 8.32 -19.13
N3 63Q H . 5.77 10.68 -22.50
C4 63Q H . 6.14 11.58 -20.22
N2 63Q H . 11.72 12.42 -21.28
C7 63Q H . 9.85 10.89 -20.70
C6 63Q H . 8.49 10.72 -20.45
C9 63Q H . 9.48 13.25 -21.02
C13 63Q H . 14.36 12.33 -23.24
C20 63Q H . 9.98 12.62 -25.67
C21 63Q H . 9.47 12.96 -26.93
C8 63Q H . 10.35 12.16 -21.00
N5 63Q H . 17.05 8.57 -17.89
C18 63Q H . 12.46 15.35 -24.70
C16 63Q H . 11.16 13.31 -25.11
C19 63Q H . 13.47 14.60 -24.07
C26 63Q H . 7.67 9.70 -24.76
C1 63Q H . 2.23 9.44 -20.83
N1 63Q H . 3.55 9.94 -21.12
C2 63Q H . 3.84 11.29 -21.17
O1 63Q H . 3.04 12.18 -20.84
C3 63Q H . 5.28 11.63 -21.50
C5 63Q H . 7.61 11.80 -20.47
C10 63Q H . 8.11 13.07 -20.77
C11 63Q H . 12.73 11.49 -21.49
O2 63Q H . 12.60 10.26 -21.52
C12 63Q H . 14.08 12.15 -21.74
C14 63Q H . 13.35 13.22 -23.96
C15 63Q H . 12.19 12.59 -24.49
C17 63Q H . 11.32 14.70 -25.21
CL1 63Q H . 14.84 15.45 -23.47
C22 63Q H . 8.39 12.27 -27.48
C23 63Q H . 7.80 11.22 -26.79
C24 63Q H . 8.27 10.86 -25.52
C25 63Q H . 9.36 11.57 -24.97
C27 63Q H . 6.14 9.71 -24.68
C28 63Q H . 5.62 10.88 -23.86
O3 63Q H . 5.15 11.88 -24.40
N4 63Q H . 15.06 11.24 -21.15
C29 63Q H . 15.30 11.19 -19.78
O4 63Q H . 14.81 12.02 -19.01
C30 63Q H . 16.12 10.08 -19.33
C31 63Q H . 16.92 9.22 -20.06
N6 63Q H . 16.25 9.65 -18.03
H31 63Q H . 15.84 9.55 -15.99
H33 63Q H . 14.52 10.15 -17.03
H32 63Q H . 15.95 11.19 -16.70
H30 63Q H . 18.11 7.47 -19.30
H27 63Q H . 6.10 9.78 -22.17
H7 63Q H . 6.00 10.62 -19.71
H6 63Q H . 5.78 12.34 -19.51
H12 63Q H . 11.96 13.41 -21.41
H9 63Q H . 10.48 10.02 -20.66
H8 63Q H . 8.12 9.71 -20.23
H10 63Q H . 9.83 14.26 -21.25
H15 63Q H . 14.37 11.36 -23.74
H14 63Q H . 15.37 12.73 -23.39
H19 63Q H . 9.94 13.74 -27.52
H18 63Q H . 12.55 16.42 -24.80
H23 63Q H . 7.99 8.78 -25.27
H24 63Q H . 8.09 9.66 -23.75
H3 63Q H . 2.30 8.36 -20.64
H4 63Q H . 1.59 9.63 -21.69
H2 63Q H . 1.82 9.94 -19.95
H5 63Q H . 4.23 9.29 -21.49
H1 63Q H . 5.31 12.63 -21.95
H11 63Q H . 7.45 13.93 -20.79
H13 63Q H . 14.14 13.10 -21.21
H16 63Q H . 12.10 11.52 -24.39
H17 63Q H . 10.55 15.32 -25.68
H20 63Q H . 8.02 12.54 -28.47
H21 63Q H . 6.98 10.69 -27.25
H22 63Q H . 9.72 11.28 -23.99
H26 63Q H . 5.80 8.78 -24.20
H25 63Q H . 5.67 9.73 -25.67
H28 63Q H . 15.35 10.45 -21.72
H29 63Q H . 17.10 9.24 -21.13
#